data_9MQE
#
_entry.id   9MQE
#
_cell.length_a   1.00
_cell.length_b   1.00
_cell.length_c   1.00
_cell.angle_alpha   90.00
_cell.angle_beta   90.00
_cell.angle_gamma   90.00
#
_symmetry.space_group_name_H-M   'P 1'
#
loop_
_entity.id
_entity.type
_entity.pdbx_description
1 polymer 'Vitamin K-dependent gamma-carboxylase'
2 polymer Osteocalcin
3 branched 2-acetamido-2-deoxy-beta-D-glucopyranose-(1-4)-2-acetamido-2-deoxy-beta-D-glucopyranose
4 non-polymer 2-acetamido-2-deoxy-beta-D-glucopyranose
5 non-polymer '(4S,7R)-4-HYDROXY-N,N,N-TRIMETHYL-9-OXO-7-[(PALMITOYLOXY)METHYL]-3,5,8-TRIOXA-4-PHOSPHAHEXACOSAN-1-AMINIUM 4-OXIDE'
6 non-polymer 'vitamin K1 hydroquinone'
#
loop_
_entity_poly.entity_id
_entity_poly.type
_entity_poly.pdbx_seq_one_letter_code
_entity_poly.pdbx_strand_id
1 'polypeptide(L)'
;MAVSAGSARTSPSSDKVQKDKAELISGPRQDSRIGKLLGFEWTDLSSWRRLVTLLNRPTDPASLAVFRFLFGFLMVLDIP
QERGLSSLDRKYLDGLDVCRFPLLDALRPLPLDWMYLVYTIMFLGALGMMLGLCYRISCVLFLLPYWYVFLLDKTSWNNH
SYLYGLLAFQLTFMDANHYWSVDGLLNAHRRNAHVPLWNYAVLRGQIFIVYFIAGVKKLDADWVEGYSMEYLSRHWLFSP
FKLLLSEELTSLLVVHWGGLLLDLSAGFLLFFDVSRSIGLFFVSYFHCMNSQLFSIGMFSYVMLASSPLFCSPEWPRKLV
SYCPRRLQQLLPLKAAPQPSVSCVYKRSRGKSGQKPGLRHQLGAAFTLLYLLEQLFLPYSHFLTQGYNNWTNGLYGYSWD
MMVHSRSHQHVKITYRDGRTGELGYLNPGVFTQSRRWKDHADMLKQYATCLSRLLPKYNVTEPQIYFDIWVSINDRFQQR
IFDPRVDIVQAAWSPFQRTSWVQPLLMDLSPWRAKLQEIKSSLDNHTEVVFIADFPGLHLENFVSEDLGNTSIQLLQGEV
TVELVAEQKNQTLREGEKMQLPAGEYHKVYTTSPSPSCYMYVYVNTTELALEQDLAYLQELKEKVENGSETGPLPPELQP
LLEGEVKGGPEPTPLVQTFLRRQQRLQEIERRRNTPFHERFFRFLLRKLYVFRRSFLMTCISLRNLILGRPSLEQLAQEV
TYANLRPFEAVGELNPSNTDSSHSNPPESNPDPVHSEF
;
A
2 'polypeptide(L)'
;MRALTLLALLALAALCIAGQAGAKPSGAESSKGAAFVSKQEGSEVVKRPRRYLYQWLGAPVPYPDPLEPRREVCELNPDC
DELADHIGFQEAYRRFYGPV
;
P
#
loop_
_chem_comp.id
_chem_comp.type
_chem_comp.name
_chem_comp.formula
6PL non-polymer '(4S,7R)-4-HYDROXY-N,N,N-TRIMETHYL-9-OXO-7-[(PALMITOYLOXY)METHYL]-3,5,8-TRIOXA-4-PHOSPHAHEXACOSAN-1-AMINIUM 4-OXIDE' 'C42 H85 N O8 P 1'
A1AVC non-polymer 'vitamin K1 hydroquinone' 'C31 H48 O2'
NAG D-saccharide, beta linking 2-acetamido-2-deoxy-beta-D-glucopyranose 'C8 H15 N O6'
#
# COMPACT_ATOMS: atom_id res chain seq x y z
N ASP A 31 -29.22 35.07 -15.61
CA ASP A 31 -28.88 36.48 -15.77
C ASP A 31 -28.09 36.99 -14.57
N SER A 32 -28.49 36.55 -13.38
CA SER A 32 -27.80 36.95 -12.17
C SER A 32 -26.38 36.38 -12.17
N ARG A 33 -25.45 37.14 -11.58
CA ARG A 33 -24.06 36.70 -11.51
C ARG A 33 -23.94 35.42 -10.70
N ILE A 34 -24.69 35.32 -9.60
CA ILE A 34 -24.66 34.09 -8.80
C ILE A 34 -25.18 32.91 -9.62
N GLY A 35 -26.26 33.13 -10.36
CA GLY A 35 -26.79 32.06 -11.20
C GLY A 35 -25.81 31.63 -12.27
N LYS A 36 -25.10 32.58 -12.86
CA LYS A 36 -24.11 32.24 -13.88
C LYS A 36 -22.95 31.47 -13.28
N LEU A 37 -22.45 31.91 -12.12
CA LEU A 37 -21.29 31.26 -11.52
C LEU A 37 -21.63 29.86 -11.03
N LEU A 38 -22.72 29.72 -10.29
CA LEU A 38 -23.10 28.44 -9.71
C LEU A 38 -24.02 27.62 -10.61
N GLY A 39 -24.61 28.21 -11.66
CA GLY A 39 -25.45 27.47 -12.57
C GLY A 39 -26.89 27.29 -12.13
N PHE A 40 -27.28 27.82 -10.97
CA PHE A 40 -28.65 27.73 -10.51
C PHE A 40 -28.99 28.97 -9.71
N GLU A 41 -30.27 29.33 -9.71
CA GLU A 41 -30.77 30.49 -8.98
C GLU A 41 -31.20 30.10 -7.57
N TRP A 42 -31.25 31.11 -6.70
CA TRP A 42 -31.70 30.86 -5.33
C TRP A 42 -33.15 30.39 -5.30
N THR A 43 -34.00 30.99 -6.13
CA THR A 43 -35.41 30.61 -6.16
C THR A 43 -35.61 29.15 -6.54
N ASP A 44 -34.64 28.54 -7.21
CA ASP A 44 -34.73 27.11 -7.52
C ASP A 44 -34.74 26.24 -6.27
N LEU A 45 -34.19 26.73 -5.16
CA LEU A 45 -34.09 25.96 -3.92
C LEU A 45 -35.21 26.28 -2.93
N SER A 46 -36.21 27.06 -3.34
CA SER A 46 -37.25 27.47 -2.40
C SER A 46 -38.12 26.29 -1.98
N SER A 47 -38.39 25.36 -2.90
CA SER A 47 -39.30 24.25 -2.67
C SER A 47 -38.67 22.95 -3.13
N TRP A 48 -39.21 21.84 -2.60
CA TRP A 48 -38.71 20.51 -2.94
C TRP A 48 -38.89 20.21 -4.42
N ARG A 49 -40.05 20.55 -4.98
CA ARG A 49 -40.32 20.26 -6.37
C ARG A 49 -39.33 20.96 -7.28
N ARG A 50 -39.03 22.23 -7.00
CA ARG A 50 -38.05 22.95 -7.80
C ARG A 50 -36.67 22.35 -7.65
N LEU A 51 -36.34 21.82 -6.46
CA LEU A 51 -35.06 21.15 -6.29
C LEU A 51 -34.98 19.89 -7.15
N VAL A 52 -36.05 19.10 -7.19
CA VAL A 52 -36.06 17.90 -8.04
C VAL A 52 -35.91 18.30 -9.50
N THR A 53 -36.65 19.33 -9.92
CA THR A 53 -36.54 19.79 -11.30
C THR A 53 -35.13 20.26 -11.63
N LEU A 54 -34.49 20.99 -10.71
CA LEU A 54 -33.12 21.44 -10.92
C LEU A 54 -32.16 20.27 -11.03
N LEU A 55 -32.32 19.28 -10.17
CA LEU A 55 -31.42 18.13 -10.18
C LEU A 55 -31.69 17.16 -11.32
N ASN A 56 -32.84 17.28 -12.01
CA ASN A 56 -33.15 16.44 -13.17
C ASN A 56 -33.32 17.25 -14.44
N ARG A 57 -32.65 18.40 -14.55
CA ARG A 57 -32.70 19.16 -15.79
C ARG A 57 -31.94 18.40 -16.88
N PRO A 58 -32.23 18.66 -18.16
CA PRO A 58 -31.46 18.02 -19.23
C PRO A 58 -30.00 18.48 -19.22
N THR A 59 -29.13 17.58 -19.65
CA THR A 59 -27.71 17.88 -19.79
C THR A 59 -27.13 16.95 -20.85
N ASP A 60 -26.10 17.42 -21.53
CA ASP A 60 -25.48 16.63 -22.58
C ASP A 60 -24.73 15.44 -21.96
N PRO A 61 -24.70 14.28 -22.63
CA PRO A 61 -24.12 13.08 -22.01
C PRO A 61 -22.66 12.80 -22.32
N ALA A 62 -22.02 13.61 -23.17
CA ALA A 62 -20.78 13.18 -23.81
C ALA A 62 -19.65 13.00 -22.80
N SER A 63 -19.49 13.94 -21.88
CA SER A 63 -18.41 13.86 -20.90
C SER A 63 -18.55 12.62 -20.03
N LEU A 64 -19.79 12.31 -19.63
CA LEU A 64 -20.03 11.09 -18.85
C LEU A 64 -19.63 9.85 -19.63
N ALA A 65 -19.93 9.82 -20.93
CA ALA A 65 -19.56 8.67 -21.74
C ALA A 65 -18.05 8.52 -21.83
N VAL A 66 -17.34 9.63 -22.03
CA VAL A 66 -15.88 9.55 -22.11
C VAL A 66 -15.30 9.06 -20.79
N PHE A 67 -15.81 9.58 -19.66
CA PHE A 67 -15.33 9.13 -18.37
C PHE A 67 -15.61 7.65 -18.15
N ARG A 68 -16.80 7.19 -18.57
CA ARG A 68 -17.12 5.78 -18.44
C ARG A 68 -16.15 4.92 -19.23
N PHE A 69 -15.86 5.31 -20.46
CA PHE A 69 -14.94 4.55 -21.30
C PHE A 69 -13.56 4.49 -20.66
N LEU A 70 -13.04 5.63 -20.21
CA LEU A 70 -11.71 5.63 -19.61
C LEU A 70 -11.67 4.82 -18.32
N PHE A 71 -12.71 4.95 -17.48
CA PHE A 71 -12.73 4.18 -16.23
C PHE A 71 -12.76 2.69 -16.52
N GLY A 72 -13.58 2.26 -17.47
CA GLY A 72 -13.62 0.85 -17.82
C GLY A 72 -12.29 0.35 -18.33
N PHE A 73 -11.63 1.14 -19.20
CA PHE A 73 -10.33 0.72 -19.72
C PHE A 73 -9.29 0.60 -18.61
N LEU A 74 -9.25 1.58 -17.70
CA LEU A 74 -8.26 1.51 -16.63
C LEU A 74 -8.53 0.36 -15.67
N MET A 75 -9.80 0.07 -15.37
CA MET A 75 -10.07 -1.08 -14.51
C MET A 75 -9.72 -2.39 -15.21
N VAL A 76 -9.98 -2.47 -16.52
CA VAL A 76 -9.59 -3.68 -17.28
C VAL A 76 -8.10 -3.89 -17.20
N LEU A 77 -7.32 -2.81 -17.35
CA LEU A 77 -5.87 -2.95 -17.23
C LEU A 77 -5.45 -3.23 -15.79
N ASP A 78 -6.25 -2.78 -14.81
CA ASP A 78 -5.86 -2.91 -13.41
C ASP A 78 -6.10 -4.30 -12.85
N ILE A 79 -7.11 -5.02 -13.35
CA ILE A 79 -7.46 -6.32 -12.76
C ILE A 79 -6.29 -7.31 -12.83
N PRO A 80 -5.61 -7.50 -13.96
CA PRO A 80 -4.53 -8.50 -13.98
C PRO A 80 -3.24 -8.07 -13.31
N GLN A 81 -3.15 -6.84 -12.79
CA GLN A 81 -1.91 -6.33 -12.24
C GLN A 81 -1.94 -6.21 -10.72
N GLU A 82 -2.87 -5.43 -10.17
CA GLU A 82 -2.87 -5.13 -8.73
C GLU A 82 -3.92 -5.91 -7.96
N ARG A 83 -5.05 -6.23 -8.57
CA ARG A 83 -6.04 -7.06 -7.87
C ARG A 83 -5.48 -8.45 -7.57
N GLY A 84 -4.49 -8.89 -8.34
CA GLY A 84 -3.71 -10.07 -8.00
C GLY A 84 -4.07 -11.32 -8.76
N LEU A 85 -4.69 -11.17 -9.94
CA LEU A 85 -5.08 -12.32 -10.73
C LEU A 85 -3.89 -13.17 -11.15
N SER A 86 -2.77 -12.53 -11.50
CA SER A 86 -1.57 -13.29 -11.82
C SER A 86 -1.06 -14.04 -10.61
N SER A 87 -1.09 -13.42 -9.43
CA SER A 87 -0.58 -13.99 -8.20
C SER A 87 -1.63 -14.76 -7.40
N LEU A 88 -2.84 -14.89 -7.92
CA LEU A 88 -3.91 -15.52 -7.16
C LEU A 88 -3.71 -17.03 -6.99
N ASP A 89 -2.81 -17.64 -7.76
CA ASP A 89 -2.54 -19.07 -7.61
C ASP A 89 -1.70 -19.38 -6.38
N ARG A 90 -1.10 -18.36 -5.75
CA ARG A 90 -0.23 -18.55 -4.60
C ARG A 90 -0.72 -17.75 -3.39
N LYS A 91 -1.99 -17.37 -3.37
CA LYS A 91 -2.61 -16.61 -2.27
C LYS A 91 -3.82 -17.31 -1.69
N TYR A 92 -4.56 -18.07 -2.50
CA TYR A 92 -5.74 -18.81 -2.07
C TYR A 92 -5.59 -20.30 -2.39
N LEU A 93 -4.37 -20.82 -2.25
CA LEU A 93 -4.10 -22.21 -2.60
C LEU A 93 -4.85 -23.15 -1.65
N ASP A 94 -5.47 -24.16 -2.23
CA ASP A 94 -6.19 -25.15 -1.44
C ASP A 94 -5.23 -25.98 -0.61
N GLY A 95 -5.64 -26.31 0.61
CA GLY A 95 -4.85 -27.15 1.49
C GLY A 95 -3.83 -26.41 2.33
N LEU A 96 -3.52 -25.16 1.99
CA LEU A 96 -2.57 -24.38 2.76
C LEU A 96 -3.25 -23.79 4.00
N ASP A 97 -2.49 -23.62 5.07
CA ASP A 97 -3.01 -23.12 6.34
C ASP A 97 -2.53 -21.69 6.53
N VAL A 98 -3.47 -20.73 6.42
CA VAL A 98 -3.16 -19.31 6.45
C VAL A 98 -4.13 -18.63 7.39
N CYS A 99 -3.64 -17.60 8.07
CA CYS A 99 -4.46 -16.77 8.95
C CYS A 99 -4.99 -15.58 8.15
N ARG A 100 -6.29 -15.59 7.88
CA ARG A 100 -6.92 -14.53 7.10
C ARG A 100 -7.24 -13.33 7.99
N PHE A 101 -7.58 -12.22 7.34
CA PHE A 101 -7.98 -10.98 8.01
C PHE A 101 -9.20 -10.39 7.32
N PRO A 102 -10.36 -11.03 7.43
CA PRO A 102 -11.59 -10.45 6.88
C PRO A 102 -12.28 -9.52 7.87
N LEU A 103 -13.07 -8.61 7.32
CA LEU A 103 -13.81 -7.66 8.16
C LEU A 103 -14.84 -8.38 9.02
N LEU A 104 -15.53 -9.36 8.43
CA LEU A 104 -16.47 -10.21 9.14
C LEU A 104 -15.89 -11.61 9.23
N ASP A 105 -15.92 -12.20 10.43
CA ASP A 105 -15.39 -13.54 10.60
C ASP A 105 -16.17 -14.58 9.81
N ALA A 106 -17.44 -14.31 9.48
CA ALA A 106 -18.23 -15.27 8.72
C ALA A 106 -17.66 -15.49 7.33
N LEU A 107 -17.21 -14.42 6.67
CA LEU A 107 -16.67 -14.53 5.32
C LEU A 107 -15.43 -15.40 5.31
N ARG A 108 -15.35 -16.30 4.34
CA ARG A 108 -14.19 -17.16 4.11
C ARG A 108 -13.96 -17.27 2.61
N PRO A 109 -12.71 -17.48 2.17
CA PRO A 109 -12.49 -17.66 0.73
C PRO A 109 -13.13 -18.94 0.21
N LEU A 110 -13.55 -18.89 -1.04
CA LEU A 110 -13.96 -20.08 -1.77
C LEU A 110 -12.72 -20.83 -2.25
N PRO A 111 -12.88 -22.02 -2.83
CA PRO A 111 -11.73 -22.67 -3.47
C PRO A 111 -11.18 -21.83 -4.61
N LEU A 112 -10.01 -22.25 -5.09
CA LEU A 112 -9.27 -21.44 -6.06
C LEU A 112 -10.05 -21.26 -7.35
N ASP A 113 -10.69 -22.33 -7.84
CA ASP A 113 -11.34 -22.28 -9.13
C ASP A 113 -12.52 -21.31 -9.13
N TRP A 114 -13.32 -21.34 -8.07
CA TRP A 114 -14.41 -20.38 -7.97
C TRP A 114 -13.89 -18.95 -7.87
N MET A 115 -12.73 -18.77 -7.23
CA MET A 115 -12.12 -17.44 -7.21
C MET A 115 -11.75 -16.97 -8.61
N TYR A 116 -11.19 -17.86 -9.43
CA TYR A 116 -10.86 -17.46 -10.79
C TYR A 116 -12.13 -17.18 -11.60
N LEU A 117 -13.20 -17.94 -11.34
CA LEU A 117 -14.47 -17.64 -11.98
C LEU A 117 -14.96 -16.25 -11.58
N VAL A 118 -14.79 -15.90 -10.30
CA VAL A 118 -15.21 -14.59 -9.82
C VAL A 118 -14.43 -13.49 -10.51
N TYR A 119 -13.11 -13.66 -10.63
CA TYR A 119 -12.30 -12.67 -11.34
C TYR A 119 -12.66 -12.62 -12.84
N THR A 120 -13.02 -13.76 -13.43
CA THR A 120 -13.49 -13.73 -14.82
C THR A 120 -14.76 -12.90 -14.95
N ILE A 121 -15.67 -13.06 -14.00
CA ILE A 121 -16.90 -12.25 -14.02
C ILE A 121 -16.54 -10.78 -13.86
N MET A 122 -15.54 -10.48 -13.03
CA MET A 122 -15.09 -9.10 -12.89
C MET A 122 -14.58 -8.54 -14.21
N PHE A 123 -13.78 -9.34 -14.91
CA PHE A 123 -13.23 -8.90 -16.19
C PHE A 123 -14.34 -8.65 -17.21
N LEU A 124 -15.32 -9.56 -17.27
CA LEU A 124 -16.44 -9.37 -18.20
C LEU A 124 -17.24 -8.12 -17.84
N GLY A 125 -17.48 -7.89 -16.55
CA GLY A 125 -18.20 -6.69 -16.16
C GLY A 125 -17.45 -5.42 -16.53
N ALA A 126 -16.13 -5.41 -16.33
CA ALA A 126 -15.34 -4.26 -16.70
C ALA A 126 -15.37 -4.01 -18.20
N LEU A 127 -15.27 -5.07 -19.00
CA LEU A 127 -15.36 -4.92 -20.44
C LEU A 127 -16.73 -4.38 -20.86
N GLY A 128 -17.80 -4.89 -20.23
CA GLY A 128 -19.13 -4.40 -20.54
C GLY A 128 -19.28 -2.92 -20.20
N MET A 129 -18.74 -2.50 -19.05
CA MET A 129 -18.78 -1.08 -18.72
C MET A 129 -17.99 -0.25 -19.72
N MET A 130 -16.83 -0.76 -20.16
CA MET A 130 -16.02 -0.01 -21.11
C MET A 130 -16.76 0.17 -22.42
N LEU A 131 -17.36 -0.90 -22.94
CA LEU A 131 -18.11 -0.83 -24.19
C LEU A 131 -19.57 -0.41 -24.00
N GLY A 132 -20.05 -0.35 -22.75
CA GLY A 132 -21.43 0.04 -22.51
C GLY A 132 -22.44 -0.90 -23.10
N LEU A 133 -22.18 -2.21 -23.02
CA LEU A 133 -23.09 -3.24 -23.52
C LEU A 133 -23.76 -3.89 -22.32
N CYS A 134 -25.09 -3.79 -22.26
CA CYS A 134 -25.87 -4.23 -21.10
C CYS A 134 -25.33 -3.57 -19.83
N TYR A 135 -25.49 -2.24 -19.80
CA TYR A 135 -24.72 -1.41 -18.86
C TYR A 135 -25.03 -1.77 -17.41
N ARG A 136 -26.31 -1.92 -17.07
CA ARG A 136 -26.66 -2.18 -15.68
C ARG A 136 -26.15 -3.54 -15.21
N ILE A 137 -26.30 -4.56 -16.06
CA ILE A 137 -25.82 -5.89 -15.71
C ILE A 137 -24.29 -5.87 -15.57
N SER A 138 -23.60 -5.19 -16.48
CA SER A 138 -22.15 -5.11 -16.41
C SER A 138 -21.70 -4.40 -15.14
N CYS A 139 -22.37 -3.31 -14.78
CA CYS A 139 -22.02 -2.60 -13.55
C CYS A 139 -22.25 -3.47 -12.33
N VAL A 140 -23.35 -4.23 -12.30
CA VAL A 140 -23.61 -5.11 -11.15
C VAL A 140 -22.53 -6.19 -11.07
N LEU A 141 -22.20 -6.79 -12.22
CA LEU A 141 -21.20 -7.86 -12.24
C LEU A 141 -19.81 -7.35 -11.89
N PHE A 142 -19.54 -6.06 -12.13
CA PHE A 142 -18.28 -5.50 -11.68
C PHE A 142 -18.33 -5.12 -10.20
N LEU A 143 -19.52 -4.74 -9.70
CA LEU A 143 -19.61 -4.18 -8.36
C LEU A 143 -19.57 -5.27 -7.30
N LEU A 144 -20.47 -6.27 -7.40
CA LEU A 144 -20.60 -7.23 -6.31
C LEU A 144 -19.32 -8.04 -6.08
N PRO A 145 -18.72 -8.65 -7.11
CA PRO A 145 -17.42 -9.31 -6.90
C PRO A 145 -16.32 -8.40 -6.37
N TYR A 146 -16.27 -7.15 -6.83
CA TYR A 146 -15.20 -6.25 -6.38
C TYR A 146 -15.29 -6.03 -4.87
N TRP A 147 -16.50 -5.79 -4.37
CA TRP A 147 -16.63 -5.58 -2.93
C TRP A 147 -16.48 -6.88 -2.17
N TYR A 148 -16.83 -8.01 -2.78
CA TYR A 148 -16.55 -9.30 -2.15
C TYR A 148 -15.06 -9.49 -1.92
N VAL A 149 -14.25 -9.17 -2.93
CA VAL A 149 -12.80 -9.28 -2.78
C VAL A 149 -12.28 -8.24 -1.80
N PHE A 150 -12.84 -7.03 -1.85
CA PHE A 150 -12.34 -5.95 -1.00
C PHE A 150 -12.58 -6.25 0.48
N LEU A 151 -13.77 -6.72 0.83
CA LEU A 151 -14.07 -7.01 2.23
C LEU A 151 -13.42 -8.29 2.73
N LEU A 152 -12.92 -9.15 1.82
CA LEU A 152 -12.34 -10.41 2.25
C LEU A 152 -11.02 -10.22 3.00
N ASP A 153 -10.23 -9.21 2.63
CA ASP A 153 -8.91 -9.00 3.21
C ASP A 153 -8.73 -7.53 3.54
N LYS A 154 -8.46 -7.23 4.80
CA LYS A 154 -8.22 -5.87 5.24
C LYS A 154 -6.80 -5.39 4.98
N THR A 155 -5.86 -6.29 4.72
CA THR A 155 -4.47 -5.91 4.53
C THR A 155 -4.23 -5.28 3.16
N SER A 156 -5.08 -5.54 2.18
CA SER A 156 -4.95 -4.98 0.85
C SER A 156 -5.74 -3.69 0.67
N TRP A 157 -6.29 -3.14 1.75
CA TRP A 157 -7.05 -1.90 1.68
C TRP A 157 -6.12 -0.72 1.44
N ASN A 158 -6.64 0.27 0.72
CA ASN A 158 -5.91 1.45 0.35
C ASN A 158 -6.87 2.39 -0.36
N ASN A 159 -6.52 3.68 -0.36
CA ASN A 159 -7.47 4.71 -0.78
C ASN A 159 -7.92 4.52 -2.22
N HIS A 160 -7.01 4.15 -3.12
CA HIS A 160 -7.36 4.08 -4.52
C HIS A 160 -8.18 2.84 -4.88
N SER A 161 -8.27 1.84 -4.01
CA SER A 161 -9.22 0.76 -4.22
C SER A 161 -10.61 1.14 -3.71
N TYR A 162 -10.66 1.84 -2.57
CA TYR A 162 -11.93 2.34 -2.07
C TYR A 162 -12.55 3.32 -3.07
N LEU A 163 -11.73 4.17 -3.70
CA LEU A 163 -12.29 5.09 -4.69
C LEU A 163 -12.85 4.33 -5.88
N TYR A 164 -12.15 3.27 -6.34
CA TYR A 164 -12.67 2.49 -7.46
C TYR A 164 -14.00 1.84 -7.10
N GLY A 165 -14.09 1.29 -5.88
CA GLY A 165 -15.35 0.72 -5.44
C GLY A 165 -16.48 1.73 -5.41
N LEU A 166 -16.20 2.93 -4.87
CA LEU A 166 -17.23 3.96 -4.83
C LEU A 166 -17.65 4.39 -6.22
N LEU A 167 -16.68 4.59 -7.12
CA LEU A 167 -17.04 5.01 -8.48
C LEU A 167 -17.86 3.95 -9.19
N ALA A 168 -17.52 2.68 -8.99
CA ALA A 168 -18.32 1.61 -9.57
C ALA A 168 -19.73 1.62 -8.99
N PHE A 169 -19.86 1.91 -7.70
CA PHE A 169 -21.19 1.98 -7.10
C PHE A 169 -22.00 3.13 -7.69
N GLN A 170 -21.38 4.29 -7.86
CA GLN A 170 -22.10 5.45 -8.41
C GLN A 170 -22.52 5.20 -9.85
N LEU A 171 -21.61 4.71 -10.69
CA LEU A 171 -21.93 4.53 -12.11
C LEU A 171 -22.97 3.44 -12.35
N THR A 172 -23.30 2.62 -11.35
CA THR A 172 -24.33 1.61 -11.55
C THR A 172 -25.69 2.23 -11.83
N PHE A 173 -25.97 3.39 -11.22
CA PHE A 173 -27.27 4.03 -11.35
C PHE A 173 -27.33 5.09 -12.44
N MET A 174 -26.19 5.65 -12.83
CA MET A 174 -26.17 6.74 -13.79
C MET A 174 -26.42 6.24 -15.20
N ASP A 175 -27.12 7.05 -16.00
CA ASP A 175 -27.41 6.72 -17.39
C ASP A 175 -26.22 7.16 -18.25
N ALA A 176 -25.13 6.42 -18.12
CA ALA A 176 -23.88 6.73 -18.80
C ALA A 176 -23.74 6.06 -20.16
N ASN A 177 -24.76 5.32 -20.61
CA ASN A 177 -24.71 4.62 -21.89
C ASN A 177 -25.49 5.34 -22.98
N HIS A 178 -25.85 6.61 -22.77
CA HIS A 178 -26.66 7.34 -23.74
C HIS A 178 -25.86 7.88 -24.92
N TYR A 179 -24.53 7.74 -24.93
CA TYR A 179 -23.72 8.29 -26.00
C TYR A 179 -22.45 7.48 -26.14
N TRP A 180 -22.10 7.13 -27.38
CA TRP A 180 -20.91 6.34 -27.67
C TRP A 180 -20.93 5.02 -26.90
N SER A 181 -22.02 4.28 -27.09
CA SER A 181 -22.21 2.99 -26.44
C SER A 181 -22.85 2.04 -27.42
N VAL A 182 -22.46 0.76 -27.33
CA VAL A 182 -23.05 -0.25 -28.19
C VAL A 182 -24.54 -0.39 -27.90
N ASP A 183 -24.94 -0.21 -26.63
CA ASP A 183 -26.35 -0.28 -26.28
C ASP A 183 -27.16 0.76 -27.05
N GLY A 184 -26.58 1.91 -27.37
CA GLY A 184 -27.25 2.87 -28.20
C GLY A 184 -27.56 2.32 -29.58
N LEU A 185 -26.60 1.61 -30.18
CA LEU A 185 -26.82 1.03 -31.50
C LEU A 185 -27.91 -0.04 -31.48
N LEU A 186 -28.01 -0.79 -30.37
CA LEU A 186 -29.02 -1.82 -30.23
C LEU A 186 -30.36 -1.29 -29.73
N ASN A 187 -30.47 0.00 -29.42
CA ASN A 187 -31.72 0.56 -28.92
C ASN A 187 -31.78 2.03 -29.31
N ALA A 188 -32.75 2.38 -30.17
CA ALA A 188 -32.85 3.75 -30.67
C ALA A 188 -33.17 4.73 -29.56
N HIS A 189 -33.95 4.31 -28.57
CA HIS A 189 -34.37 5.22 -27.50
C HIS A 189 -33.19 5.70 -26.67
N ARG A 190 -32.10 4.94 -26.59
CA ARG A 190 -30.96 5.26 -25.76
C ARG A 190 -29.72 5.60 -26.60
N ARG A 191 -29.92 6.32 -27.70
CA ARG A 191 -28.84 6.74 -28.59
C ARG A 191 -28.79 8.26 -28.63
N ASN A 192 -27.76 8.83 -28.02
CA ASN A 192 -27.54 10.27 -28.02
C ASN A 192 -28.72 11.00 -27.37
N ALA A 193 -28.98 10.65 -26.11
CA ALA A 193 -30.12 11.14 -25.36
C ALA A 193 -29.66 11.96 -24.17
N HIS A 194 -30.57 12.77 -23.65
CA HIS A 194 -30.30 13.60 -22.50
C HIS A 194 -30.14 12.74 -21.24
N VAL A 195 -29.52 13.33 -20.22
CA VAL A 195 -29.39 12.70 -18.90
C VAL A 195 -29.63 13.74 -17.83
N PRO A 196 -30.10 13.31 -16.65
CA PRO A 196 -30.31 14.27 -15.57
C PRO A 196 -28.99 14.82 -15.06
N LEU A 197 -29.04 16.03 -14.49
CA LEU A 197 -27.82 16.70 -14.08
C LEU A 197 -27.13 16.02 -12.91
N TRP A 198 -27.87 15.32 -12.04
CA TRP A 198 -27.25 14.80 -10.82
C TRP A 198 -26.20 13.73 -11.11
N ASN A 199 -26.20 13.14 -12.31
CA ASN A 199 -25.12 12.22 -12.67
C ASN A 199 -23.78 12.93 -12.63
N TYR A 200 -23.73 14.15 -13.19
CA TYR A 200 -22.50 14.94 -13.09
C TYR A 200 -22.29 15.48 -11.69
N ALA A 201 -23.38 15.82 -10.99
CA ALA A 201 -23.26 16.42 -9.67
C ALA A 201 -22.60 15.46 -8.69
N VAL A 202 -23.00 14.19 -8.72
CA VAL A 202 -22.44 13.22 -7.77
C VAL A 202 -20.94 13.02 -8.03
N LEU A 203 -20.55 12.92 -9.30
CA LEU A 203 -19.13 12.72 -9.61
C LEU A 203 -18.30 13.93 -9.23
N ARG A 204 -18.78 15.13 -9.55
CA ARG A 204 -18.07 16.33 -9.15
C ARG A 204 -17.96 16.43 -7.64
N GLY A 205 -19.03 16.10 -6.93
CA GLY A 205 -18.99 16.09 -5.47
C GLY A 205 -17.98 15.09 -4.95
N GLN A 206 -17.91 13.91 -5.57
CA GLN A 206 -16.95 12.90 -5.11
C GLN A 206 -15.52 13.39 -5.27
N ILE A 207 -15.19 13.93 -6.44
CA ILE A 207 -13.82 14.42 -6.65
C ILE A 207 -13.51 15.59 -5.71
N PHE A 208 -14.47 16.49 -5.52
CA PHE A 208 -14.27 17.61 -4.62
C PHE A 208 -14.06 17.14 -3.18
N ILE A 209 -14.85 16.16 -2.75
CA ILE A 209 -14.69 15.64 -1.39
C ILE A 209 -13.33 14.97 -1.24
N VAL A 210 -12.88 14.24 -2.26
CA VAL A 210 -11.55 13.62 -2.18
C VAL A 210 -10.48 14.69 -1.99
N TYR A 211 -10.49 15.71 -2.85
CA TYR A 211 -9.47 16.76 -2.75
C TYR A 211 -9.54 17.48 -1.41
N PHE A 212 -10.75 17.87 -0.98
CA PHE A 212 -10.87 18.69 0.22
C PHE A 212 -10.56 17.89 1.48
N ILE A 213 -11.04 16.65 1.57
CA ILE A 213 -10.76 15.85 2.75
C ILE A 213 -9.28 15.52 2.82
N ALA A 214 -8.65 15.23 1.68
CA ALA A 214 -7.21 15.00 1.67
C ALA A 214 -6.47 16.25 2.12
N GLY A 215 -6.91 17.42 1.67
CA GLY A 215 -6.24 18.65 2.08
C GLY A 215 -6.33 18.91 3.57
N VAL A 216 -7.54 18.78 4.14
CA VAL A 216 -7.70 19.09 5.55
C VAL A 216 -6.99 18.05 6.41
N LYS A 217 -7.01 16.78 5.98
CA LYS A 217 -6.31 15.75 6.75
C LYS A 217 -4.81 16.00 6.81
N LYS A 218 -4.25 16.70 5.83
CA LYS A 218 -2.83 17.03 5.82
C LYS A 218 -2.51 18.29 6.63
N LEU A 219 -3.49 18.90 7.29
CA LEU A 219 -3.24 19.96 8.25
C LEU A 219 -2.88 19.36 9.61
N ASP A 220 -1.75 18.64 9.63
CA ASP A 220 -1.25 17.96 10.80
C ASP A 220 0.18 18.42 11.09
N ALA A 221 0.57 18.30 12.36
CA ALA A 221 1.90 18.73 12.77
C ALA A 221 3.01 17.96 12.07
N ASP A 222 2.75 16.73 11.65
CA ASP A 222 3.76 15.91 11.01
C ASP A 222 3.92 16.19 9.52
N TRP A 223 3.00 16.93 8.90
CA TRP A 223 3.09 17.32 7.51
C TRP A 223 3.55 18.75 7.30
N VAL A 224 2.99 19.71 8.05
CA VAL A 224 3.38 21.10 7.90
C VAL A 224 4.79 21.39 8.42
N GLU A 225 5.39 20.45 9.16
CA GLU A 225 6.72 20.65 9.75
C GLU A 225 7.83 19.96 8.97
N GLY A 226 7.50 19.12 8.00
CA GLY A 226 8.50 18.52 7.14
C GLY A 226 8.94 17.11 7.49
N TYR A 227 8.24 16.45 8.42
CA TYR A 227 8.68 15.12 8.85
C TYR A 227 8.22 14.03 7.89
N SER A 228 6.92 13.96 7.61
CA SER A 228 6.42 12.97 6.66
C SER A 228 6.96 13.29 5.27
N MET A 229 7.37 12.24 4.55
CA MET A 229 7.92 12.38 3.19
C MET A 229 9.14 13.30 3.20
N GLU A 230 10.03 13.11 4.16
CA GLU A 230 11.22 13.96 4.26
C GLU A 230 12.27 13.62 3.20
N TYR A 231 12.27 12.39 2.68
CA TYR A 231 13.34 11.90 1.83
C TYR A 231 12.93 11.85 0.35
N LEU A 232 11.77 12.36 -0.02
CA LEU A 232 11.32 12.33 -1.41
C LEU A 232 11.87 13.50 -2.22
N SER A 233 12.45 14.50 -1.59
CA SER A 233 12.98 15.66 -2.30
C SER A 233 14.26 15.34 -3.10
N ARG A 234 14.87 14.18 -2.87
CA ARG A 234 16.10 13.81 -3.56
C ARG A 234 15.86 13.23 -4.95
N HIS A 235 14.60 12.98 -5.32
CA HIS A 235 14.32 12.44 -6.64
C HIS A 235 14.71 13.44 -7.72
N TRP A 236 15.18 12.92 -8.86
CA TRP A 236 15.67 13.79 -9.92
C TRP A 236 14.58 14.64 -10.54
N LEU A 237 13.31 14.30 -10.35
CA LEU A 237 12.23 15.12 -10.89
C LEU A 237 12.20 16.49 -10.24
N PHE A 238 12.68 16.62 -9.00
CA PHE A 238 12.80 17.89 -8.32
C PHE A 238 14.13 18.59 -8.61
N SER A 239 14.88 18.13 -9.60
CA SER A 239 16.15 18.76 -9.92
C SER A 239 16.05 20.25 -10.28
N PRO A 240 15.13 20.72 -11.14
CA PRO A 240 15.12 22.15 -11.45
C PRO A 240 14.87 23.05 -10.25
N PHE A 241 14.03 22.60 -9.30
CA PHE A 241 13.75 23.41 -8.12
C PHE A 241 15.00 23.66 -7.31
N LYS A 242 15.96 22.74 -7.35
CA LYS A 242 17.22 22.92 -6.63
C LYS A 242 18.08 24.04 -7.21
N LEU A 243 17.80 24.49 -8.44
CA LEU A 243 18.58 25.59 -9.01
C LEU A 243 18.37 26.88 -8.23
N LEU A 244 17.18 27.08 -7.67
CA LEU A 244 16.84 28.31 -6.96
C LEU A 244 16.66 28.12 -5.45
N LEU A 245 16.54 26.88 -4.97
CA LEU A 245 16.28 26.61 -3.57
C LEU A 245 17.21 25.51 -3.08
N SER A 246 17.49 25.53 -1.77
CA SER A 246 18.27 24.47 -1.16
C SER A 246 17.38 23.25 -0.93
N GLU A 247 18.03 22.12 -0.62
CA GLU A 247 17.30 20.88 -0.42
C GLU A 247 16.34 20.97 0.76
N GLU A 248 16.79 21.58 1.86
CA GLU A 248 15.95 21.65 3.05
C GLU A 248 14.70 22.50 2.80
N LEU A 249 14.86 23.65 2.12
CA LEU A 249 13.68 24.42 1.73
C LEU A 249 12.90 23.73 0.62
N THR A 250 13.57 23.03 -0.30
CA THR A 250 12.87 22.35 -1.37
C THR A 250 11.96 21.26 -0.83
N SER A 251 12.36 20.60 0.25
CA SER A 251 11.57 19.53 0.85
C SER A 251 10.40 20.05 1.68
N LEU A 252 10.32 21.36 1.95
CA LEU A 252 9.28 21.94 2.77
C LEU A 252 8.31 22.78 1.96
N LEU A 253 8.80 23.74 1.18
CA LEU A 253 7.91 24.61 0.43
C LEU A 253 7.23 23.87 -0.70
N VAL A 254 7.98 23.07 -1.45
CA VAL A 254 7.47 22.45 -2.67
C VAL A 254 6.74 21.14 -2.35
N VAL A 255 7.42 20.21 -1.68
CA VAL A 255 6.88 18.87 -1.52
C VAL A 255 5.66 18.89 -0.59
N HIS A 256 5.77 19.59 0.53
CA HIS A 256 4.76 19.48 1.59
C HIS A 256 3.68 20.55 1.45
N TRP A 257 4.06 21.82 1.53
CA TRP A 257 3.08 22.90 1.44
C TRP A 257 2.41 22.92 0.07
N GLY A 258 3.17 22.61 -0.98
CA GLY A 258 2.60 22.55 -2.30
C GLY A 258 1.47 21.54 -2.41
N GLY A 259 1.64 20.37 -1.79
CA GLY A 259 0.58 19.37 -1.82
C GLY A 259 -0.71 19.86 -1.18
N LEU A 260 -0.60 20.48 -0.01
CA LEU A 260 -1.77 21.01 0.69
C LEU A 260 -2.45 22.09 -0.15
N LEU A 261 -1.68 23.07 -0.62
CA LEU A 261 -2.26 24.16 -1.39
C LEU A 261 -2.91 23.64 -2.65
N LEU A 262 -2.27 22.69 -3.34
CA LEU A 262 -2.85 22.14 -4.55
C LEU A 262 -4.11 21.35 -4.25
N ASP A 263 -4.15 20.63 -3.12
CA ASP A 263 -5.37 19.91 -2.77
C ASP A 263 -6.54 20.86 -2.62
N LEU A 264 -6.38 21.89 -1.80
CA LEU A 264 -7.49 22.83 -1.60
C LEU A 264 -7.85 23.56 -2.90
N SER A 265 -6.84 24.05 -3.62
CA SER A 265 -7.12 24.83 -4.81
C SER A 265 -7.77 23.98 -5.90
N ALA A 266 -7.21 22.81 -6.20
CA ALA A 266 -7.82 21.90 -7.16
C ALA A 266 -9.23 21.49 -6.73
N GLY A 267 -9.49 21.48 -5.42
CA GLY A 267 -10.86 21.37 -4.97
C GLY A 267 -11.71 22.53 -5.48
N PHE A 268 -11.20 23.75 -5.35
CA PHE A 268 -12.02 24.92 -5.64
C PHE A 268 -11.89 25.45 -7.08
N LEU A 269 -10.68 25.46 -7.65
CA LEU A 269 -10.47 26.17 -8.92
C LEU A 269 -11.27 25.55 -10.07
N LEU A 270 -11.32 24.22 -10.14
CA LEU A 270 -11.88 23.56 -11.31
C LEU A 270 -13.36 23.89 -11.50
N PHE A 271 -14.07 24.19 -10.41
CA PHE A 271 -15.50 24.47 -10.52
C PHE A 271 -15.78 25.74 -11.32
N PHE A 272 -15.00 26.78 -11.08
CA PHE A 272 -15.25 28.07 -11.72
C PHE A 272 -14.57 28.15 -13.08
N ASP A 273 -15.19 28.90 -13.99
CA ASP A 273 -14.67 29.00 -15.35
C ASP A 273 -13.36 29.77 -15.41
N VAL A 274 -13.19 30.77 -14.54
CA VAL A 274 -12.02 31.64 -14.63
C VAL A 274 -10.75 30.86 -14.37
N SER A 275 -10.77 29.96 -13.39
CA SER A 275 -9.57 29.29 -12.90
C SER A 275 -9.42 27.87 -13.44
N ARG A 276 -10.22 27.46 -14.42
CA ARG A 276 -10.19 26.06 -14.83
C ARG A 276 -8.90 25.69 -15.55
N SER A 277 -8.36 26.61 -16.36
CA SER A 277 -7.15 26.26 -17.13
C SER A 277 -5.95 26.06 -16.20
N ILE A 278 -5.71 27.01 -15.30
CA ILE A 278 -4.59 26.89 -14.37
C ILE A 278 -4.77 25.68 -13.46
N GLY A 279 -6.00 25.45 -13.01
CA GLY A 279 -6.26 24.28 -12.18
C GLY A 279 -5.97 22.99 -12.92
N LEU A 280 -6.40 22.88 -14.18
CA LEU A 280 -6.12 21.68 -14.96
C LEU A 280 -4.62 21.50 -15.15
N PHE A 281 -3.89 22.57 -15.44
CA PHE A 281 -2.45 22.46 -15.63
C PHE A 281 -1.76 21.96 -14.36
N PHE A 282 -2.05 22.60 -13.22
CA PHE A 282 -1.42 22.19 -11.97
C PHE A 282 -1.80 20.78 -11.59
N VAL A 283 -3.07 20.40 -11.77
CA VAL A 283 -3.51 19.08 -11.38
C VAL A 283 -2.88 18.02 -12.25
N SER A 284 -2.74 18.28 -13.55
CA SER A 284 -2.09 17.33 -14.44
C SER A 284 -0.63 17.15 -14.07
N TYR A 285 0.07 18.26 -13.81
CA TYR A 285 1.47 18.16 -13.38
C TYR A 285 1.58 17.38 -12.08
N PHE A 286 0.68 17.63 -11.14
CA PHE A 286 0.68 16.96 -9.85
C PHE A 286 0.48 15.46 -10.00
N HIS A 287 -0.49 15.07 -10.83
CA HIS A 287 -0.78 13.65 -10.99
C HIS A 287 0.33 12.94 -11.76
N CYS A 288 0.91 13.59 -12.76
CA CYS A 288 2.03 12.97 -13.46
C CYS A 288 3.21 12.75 -12.53
N MET A 289 3.54 13.75 -11.69
CA MET A 289 4.64 13.56 -10.76
C MET A 289 4.32 12.47 -9.75
N ASN A 290 3.07 12.39 -9.28
CA ASN A 290 2.72 11.31 -8.36
C ASN A 290 2.85 9.95 -9.03
N SER A 291 2.48 9.86 -10.31
CA SER A 291 2.63 8.60 -11.03
C SER A 291 4.09 8.19 -11.13
N GLN A 292 4.97 9.15 -11.41
CA GLN A 292 6.38 8.80 -11.56
C GLN A 292 7.05 8.49 -10.21
N LEU A 293 6.78 9.28 -9.18
CA LEU A 293 7.48 9.09 -7.91
C LEU A 293 7.08 7.81 -7.21
N PHE A 294 5.78 7.56 -7.08
CA PHE A 294 5.26 6.43 -6.31
C PHE A 294 4.89 5.28 -7.24
N SER A 295 4.47 4.18 -6.63
CA SER A 295 3.99 2.99 -7.33
C SER A 295 2.53 2.73 -6.97
N ILE A 296 1.74 3.80 -6.91
CA ILE A 296 0.35 3.69 -6.50
C ILE A 296 -0.46 2.89 -7.53
N GLY A 297 -0.09 2.99 -8.81
CA GLY A 297 -0.73 2.21 -9.86
C GLY A 297 -1.53 3.04 -10.83
N MET A 298 -2.82 2.74 -10.95
CA MET A 298 -3.71 3.39 -11.90
C MET A 298 -4.42 4.62 -11.31
N PHE A 299 -4.16 4.95 -10.05
CA PHE A 299 -4.89 6.04 -9.40
C PHE A 299 -4.62 7.39 -10.07
N SER A 300 -3.36 7.65 -10.42
CA SER A 300 -3.04 8.92 -11.08
C SER A 300 -3.76 9.06 -12.41
N TYR A 301 -3.82 7.98 -13.18
CA TYR A 301 -4.49 8.04 -14.47
C TYR A 301 -6.01 8.16 -14.30
N VAL A 302 -6.57 7.53 -13.27
CA VAL A 302 -8.00 7.68 -13.00
C VAL A 302 -8.32 9.13 -12.64
N MET A 303 -7.49 9.75 -11.80
CA MET A 303 -7.72 11.15 -11.46
C MET A 303 -7.56 12.05 -12.68
N LEU A 304 -6.59 11.75 -13.54
CA LEU A 304 -6.45 12.51 -14.78
C LEU A 304 -7.68 12.35 -15.66
N ALA A 305 -8.26 11.16 -15.71
CA ALA A 305 -9.47 10.95 -16.49
C ALA A 305 -10.67 11.68 -15.89
N SER A 306 -10.69 11.82 -14.56
CA SER A 306 -11.81 12.48 -13.91
C SER A 306 -11.69 14.00 -13.98
N SER A 307 -10.48 14.54 -14.12
CA SER A 307 -10.29 15.99 -14.10
C SER A 307 -11.07 16.74 -15.19
N PRO A 308 -11.13 16.27 -16.44
CA PRO A 308 -11.96 16.98 -17.44
C PRO A 308 -13.44 17.06 -17.11
N LEU A 309 -13.94 16.23 -16.19
CA LEU A 309 -15.36 16.20 -15.90
C LEU A 309 -15.91 17.55 -15.45
N PHE A 310 -15.09 18.39 -14.82
CA PHE A 310 -15.54 19.72 -14.42
C PHE A 310 -15.68 20.68 -15.59
N CYS A 311 -15.21 20.31 -16.78
CA CYS A 311 -15.41 21.15 -17.95
C CYS A 311 -16.87 21.16 -18.35
N SER A 312 -17.18 21.89 -19.42
CA SER A 312 -18.55 21.91 -19.91
C SER A 312 -18.95 20.50 -20.35
N PRO A 313 -20.21 20.09 -20.18
CA PRO A 313 -20.56 18.68 -20.46
C PRO A 313 -20.43 18.27 -21.92
N GLU A 314 -20.22 19.20 -22.86
CA GLU A 314 -20.34 18.91 -24.27
C GLU A 314 -19.00 18.99 -25.01
N TRP A 315 -17.87 18.93 -24.30
CA TRP A 315 -16.59 19.10 -24.98
C TRP A 315 -16.29 18.03 -26.02
N PRO A 316 -16.60 16.73 -25.83
CA PRO A 316 -16.30 15.79 -26.91
C PRO A 316 -17.05 16.09 -28.19
N ARG A 317 -18.26 16.64 -28.08
CA ARG A 317 -19.04 16.95 -29.27
C ARG A 317 -18.39 18.06 -30.09
N LYS A 318 -17.93 19.13 -29.43
CA LYS A 318 -17.29 20.20 -30.19
C LYS A 318 -15.93 19.74 -30.72
N LEU A 319 -15.24 18.88 -29.98
CA LEU A 319 -14.02 18.30 -30.52
C LEU A 319 -14.29 17.49 -31.77
N VAL A 320 -15.36 16.68 -31.76
CA VAL A 320 -15.70 15.90 -32.95
C VAL A 320 -16.07 16.82 -34.10
N SER A 321 -16.73 17.94 -33.80
CA SER A 321 -17.08 18.90 -34.84
C SER A 321 -15.83 19.48 -35.49
N TYR A 322 -14.76 19.67 -34.72
CA TYR A 322 -13.53 20.29 -35.20
C TYR A 322 -12.58 19.23 -35.76
N CYS A 323 -13.07 18.49 -36.74
CA CYS A 323 -12.27 17.47 -37.44
C CYS A 323 -12.69 17.46 -38.90
N PRO A 324 -11.86 16.90 -39.79
CA PRO A 324 -12.29 16.73 -41.18
C PRO A 324 -13.45 15.75 -41.28
N ARG A 325 -14.10 15.77 -42.45
CA ARG A 325 -15.26 14.92 -42.66
C ARG A 325 -14.90 13.44 -42.56
N ARG A 326 -13.70 13.06 -42.99
CA ARG A 326 -13.33 11.64 -42.98
C ARG A 326 -13.32 11.09 -41.56
N LEU A 327 -12.78 11.84 -40.60
CA LEU A 327 -12.82 11.40 -39.22
C LEU A 327 -14.25 11.35 -38.70
N GLN A 328 -15.09 12.31 -39.11
CA GLN A 328 -16.47 12.36 -38.66
C GLN A 328 -17.27 11.12 -39.08
N GLN A 329 -16.87 10.47 -40.17
CA GLN A 329 -17.52 9.23 -40.58
C GLN A 329 -17.28 8.08 -39.62
N LEU A 330 -16.29 8.20 -38.71
CA LEU A 330 -15.96 7.16 -37.75
C LEU A 330 -16.23 7.56 -36.30
N LEU A 331 -16.06 8.82 -35.95
CA LEU A 331 -16.26 9.28 -34.59
C LEU A 331 -17.75 9.34 -34.27
N PRO A 332 -18.12 9.44 -32.99
CA PRO A 332 -19.55 9.46 -32.64
C PRO A 332 -20.29 10.62 -33.27
N LEU A 333 -21.61 10.59 -33.10
CA LEU A 333 -22.50 11.57 -33.72
C LEU A 333 -22.24 12.97 -33.16
N LYS A 334 -22.49 13.98 -34.00
CA LYS A 334 -22.32 15.38 -33.64
C LYS A 334 -23.64 16.13 -33.52
N ALA A 335 -24.75 15.54 -33.96
CA ALA A 335 -26.03 16.23 -33.91
C ALA A 335 -26.46 16.42 -32.46
N ALA A 336 -27.42 17.33 -32.27
CA ALA A 336 -27.88 17.64 -30.93
C ALA A 336 -28.60 16.43 -30.32
N PRO A 337 -28.51 16.23 -29.00
CA PRO A 337 -29.17 15.07 -28.40
C PRO A 337 -30.68 15.17 -28.47
N GLN A 338 -31.33 14.01 -28.50
CA GLN A 338 -32.78 13.90 -28.57
C GLN A 338 -33.39 13.96 -27.18
N PRO A 339 -34.70 14.22 -27.07
CA PRO A 339 -35.34 14.16 -25.75
C PRO A 339 -35.31 12.75 -25.18
N SER A 340 -35.31 12.68 -23.86
CA SER A 340 -35.32 11.43 -23.11
C SER A 340 -36.55 11.40 -22.19
N VAL A 341 -36.65 10.32 -21.41
CA VAL A 341 -37.74 10.13 -20.46
C VAL A 341 -37.28 10.28 -19.02
N SER A 342 -35.98 10.30 -18.76
CA SER A 342 -35.43 10.37 -17.40
C SER A 342 -35.03 11.79 -17.01
N CYS A 343 -35.77 12.78 -17.49
CA CYS A 343 -35.52 14.18 -17.14
C CYS A 343 -36.84 14.92 -17.07
N VAL A 344 -36.90 15.93 -16.20
CA VAL A 344 -38.07 16.78 -16.06
C VAL A 344 -37.93 17.91 -17.07
N TYR A 345 -38.83 17.97 -18.05
CA TYR A 345 -38.75 18.93 -19.14
C TYR A 345 -39.69 20.09 -18.85
N LYS A 346 -39.14 21.30 -18.86
CA LYS A 346 -39.97 22.48 -18.78
C LYS A 346 -40.69 22.72 -20.10
N ARG A 347 -42.01 22.83 -20.04
CA ARG A 347 -42.87 22.93 -21.22
C ARG A 347 -43.25 24.39 -21.41
N SER A 348 -42.72 25.00 -22.48
CA SER A 348 -42.97 26.40 -22.80
C SER A 348 -44.05 26.57 -23.86
N ARG A 349 -44.81 25.52 -24.17
CA ARG A 349 -45.91 25.59 -25.12
C ARG A 349 -47.21 26.10 -24.50
N GLY A 350 -47.18 26.54 -23.24
CA GLY A 350 -48.39 26.79 -22.48
C GLY A 350 -48.88 25.57 -21.71
N LYS A 351 -48.34 24.39 -22.01
CA LYS A 351 -48.70 23.19 -21.27
C LYS A 351 -48.21 23.29 -19.83
N SER A 352 -48.96 22.65 -18.94
CA SER A 352 -48.53 22.58 -17.54
C SER A 352 -47.22 21.82 -17.44
N GLY A 353 -46.37 22.23 -16.51
CA GLY A 353 -45.08 21.60 -16.36
C GLY A 353 -45.20 20.13 -16.00
N GLN A 354 -44.27 19.33 -16.50
CA GLN A 354 -44.29 17.90 -16.25
C GLN A 354 -44.09 17.65 -14.76
N LYS A 355 -45.08 16.99 -14.15
CA LYS A 355 -44.98 16.67 -12.74
C LYS A 355 -43.87 15.65 -12.54
N PRO A 356 -42.90 15.88 -11.65
CA PRO A 356 -41.88 14.85 -11.42
C PRO A 356 -42.50 13.57 -10.88
N GLY A 357 -42.02 12.44 -11.42
CA GLY A 357 -42.49 11.14 -10.99
C GLY A 357 -41.73 10.64 -9.77
N LEU A 358 -41.29 9.38 -9.82
CA LEU A 358 -40.61 8.74 -8.70
C LEU A 358 -39.10 8.69 -8.88
N ARG A 359 -38.62 8.34 -10.08
CA ARG A 359 -37.19 8.18 -10.29
C ARG A 359 -36.44 9.50 -10.07
N HIS A 360 -37.09 10.63 -10.37
CA HIS A 360 -36.44 11.92 -10.15
C HIS A 360 -36.26 12.20 -8.66
N GLN A 361 -37.31 11.97 -7.88
CA GLN A 361 -37.21 12.16 -6.44
C GLN A 361 -36.19 11.21 -5.84
N LEU A 362 -36.17 9.96 -6.31
CA LEU A 362 -35.19 9.00 -5.82
C LEU A 362 -33.78 9.44 -6.16
N GLY A 363 -33.57 9.97 -7.36
CA GLY A 363 -32.24 10.45 -7.71
C GLY A 363 -31.80 11.62 -6.84
N ALA A 364 -32.71 12.56 -6.59
CA ALA A 364 -32.37 13.69 -5.74
C ALA A 364 -32.02 13.24 -4.33
N ALA A 365 -32.85 12.36 -3.76
CA ALA A 365 -32.57 11.86 -2.42
C ALA A 365 -31.26 11.09 -2.39
N PHE A 366 -30.99 10.29 -3.42
CA PHE A 366 -29.75 9.54 -3.50
C PHE A 366 -28.55 10.49 -3.51
N THR A 367 -28.62 11.55 -4.31
CA THR A 367 -27.52 12.50 -4.36
C THR A 367 -27.27 13.12 -3.00
N LEU A 368 -28.32 13.66 -2.37
CA LEU A 368 -28.14 14.35 -1.10
C LEU A 368 -27.63 13.41 -0.02
N LEU A 369 -28.28 12.27 0.15
CA LEU A 369 -27.87 11.33 1.19
C LEU A 369 -26.47 10.79 0.94
N TYR A 370 -26.13 10.48 -0.32
CA TYR A 370 -24.81 9.93 -0.60
C TYR A 370 -23.72 10.95 -0.32
N LEU A 371 -23.92 12.21 -0.74
CA LEU A 371 -22.90 13.21 -0.45
C LEU A 371 -22.78 13.46 1.06
N LEU A 372 -23.91 13.47 1.78
CA LEU A 372 -23.82 13.65 3.23
C LEU A 372 -23.07 12.50 3.88
N GLU A 373 -23.36 11.27 3.45
CA GLU A 373 -22.66 10.11 4.00
C GLU A 373 -21.17 10.17 3.69
N GLN A 374 -20.81 10.60 2.48
CA GLN A 374 -19.40 10.69 2.12
C GLN A 374 -18.70 11.75 2.95
N LEU A 375 -19.38 12.86 3.23
CA LEU A 375 -18.79 13.86 4.13
C LEU A 375 -18.63 13.31 5.54
N PHE A 376 -19.60 12.54 6.02
CA PHE A 376 -19.59 12.09 7.40
C PHE A 376 -18.60 10.97 7.66
N LEU A 377 -18.47 10.04 6.71
CA LEU A 377 -17.74 8.80 7.00
C LEU A 377 -16.28 8.98 7.39
N PRO A 378 -15.49 9.85 6.75
CA PRO A 378 -14.08 9.98 7.17
C PRO A 378 -13.90 10.38 8.62
N TYR A 379 -14.84 11.14 9.19
CA TYR A 379 -14.74 11.62 10.57
C TYR A 379 -15.59 10.80 11.53
N SER A 380 -15.94 9.57 11.15
CA SER A 380 -16.79 8.70 11.98
C SER A 380 -15.98 7.80 12.90
N HIS A 381 -14.75 8.19 13.24
CA HIS A 381 -13.88 7.37 14.07
C HIS A 381 -14.26 7.39 15.56
N PHE A 382 -15.09 8.33 15.98
CA PHE A 382 -15.48 8.37 17.39
C PHE A 382 -16.51 7.31 17.76
N LEU A 383 -17.12 6.66 16.77
CA LEU A 383 -18.07 5.57 17.01
C LEU A 383 -17.39 4.21 17.04
N THR A 384 -16.59 3.90 16.02
CA THR A 384 -15.88 2.63 15.92
C THR A 384 -14.53 2.79 16.61
N GLN A 385 -14.56 2.94 17.93
CA GLN A 385 -13.34 3.14 18.70
C GLN A 385 -12.52 1.86 18.85
N GLY A 386 -13.09 0.69 18.57
CA GLY A 386 -12.33 -0.52 18.64
C GLY A 386 -11.18 -0.55 17.64
N TYR A 387 -11.39 0.04 16.47
CA TYR A 387 -10.36 0.09 15.44
C TYR A 387 -9.36 1.23 15.63
N ASN A 388 -9.57 2.10 16.62
CA ASN A 388 -8.64 3.21 16.84
C ASN A 388 -7.30 2.69 17.35
N ASN A 389 -6.26 3.45 17.03
CA ASN A 389 -4.87 3.08 17.29
C ASN A 389 -4.10 4.39 17.51
N TRP A 390 -2.78 4.34 17.37
CA TRP A 390 -2.00 5.57 17.33
C TRP A 390 -2.51 6.50 16.24
N THR A 391 -2.87 5.96 15.09
CA THR A 391 -3.62 6.68 14.07
C THR A 391 -5.12 6.49 14.35
N ASN A 392 -5.96 6.87 13.38
CA ASN A 392 -7.41 6.78 13.52
C ASN A 392 -7.94 5.74 12.56
N GLY A 393 -8.60 4.71 13.10
CA GLY A 393 -9.34 3.75 12.31
C GLY A 393 -8.53 2.97 11.30
N LEU A 394 -9.19 2.04 10.61
CA LEU A 394 -8.52 1.27 9.57
C LEU A 394 -8.12 2.16 8.41
N TYR A 395 -6.98 1.83 7.80
CA TYR A 395 -6.50 2.59 6.66
C TYR A 395 -7.31 2.24 5.42
N GLY A 396 -7.71 3.27 4.67
CA GLY A 396 -8.39 3.08 3.41
C GLY A 396 -9.48 4.09 3.10
N TYR A 397 -10.25 4.49 4.11
CA TYR A 397 -11.42 5.33 3.93
C TYR A 397 -11.32 6.64 4.69
N SER A 398 -10.08 7.13 4.89
CA SER A 398 -9.83 8.41 5.54
C SER A 398 -9.11 9.41 4.67
N TRP A 399 -8.64 9.03 3.48
CA TRP A 399 -7.99 9.93 2.53
C TRP A 399 -6.72 10.55 3.09
N ASP A 400 -6.10 9.93 4.09
CA ASP A 400 -4.87 10.43 4.69
C ASP A 400 -3.70 9.72 4.01
N MET A 401 -3.37 10.21 2.82
CA MET A 401 -2.36 9.57 1.97
C MET A 401 -0.98 10.11 2.29
N MET A 402 -0.04 9.21 2.55
CA MET A 402 1.36 9.56 2.78
C MET A 402 1.50 10.56 3.93
N VAL A 403 0.70 10.38 4.97
CA VAL A 403 0.73 11.25 6.14
C VAL A 403 1.53 10.65 7.29
N HIS A 404 1.59 9.32 7.41
CA HIS A 404 2.30 8.65 8.48
C HIS A 404 3.23 7.60 7.88
N SER A 405 4.48 7.62 8.33
CA SER A 405 5.48 6.62 7.96
C SER A 405 5.95 5.90 9.21
N ARG A 406 5.99 4.58 9.15
CA ARG A 406 6.32 3.74 10.29
C ARG A 406 7.57 2.92 10.01
N SER A 407 8.35 2.67 11.05
CA SER A 407 9.56 1.86 10.97
C SER A 407 9.57 0.87 12.13
N HIS A 408 9.43 -0.42 11.82
CA HIS A 408 9.44 -1.46 12.83
C HIS A 408 10.87 -1.93 13.10
N GLN A 409 11.16 -2.22 14.36
CA GLN A 409 12.49 -2.65 14.80
C GLN A 409 12.52 -4.13 15.18
N HIS A 410 11.60 -4.57 16.03
CA HIS A 410 11.61 -5.92 16.57
C HIS A 410 10.19 -6.39 16.81
N VAL A 411 9.98 -7.70 16.66
CA VAL A 411 8.70 -8.35 16.93
C VAL A 411 9.01 -9.69 17.59
N LYS A 412 8.53 -9.88 18.82
CA LYS A 412 8.73 -11.10 19.57
C LYS A 412 7.39 -11.70 19.94
N ILE A 413 7.19 -12.96 19.59
CA ILE A 413 5.96 -13.70 19.87
C ILE A 413 6.32 -14.85 20.80
N THR A 414 5.81 -14.80 22.02
CA THR A 414 6.06 -15.81 23.03
C THR A 414 4.79 -16.62 23.27
N TYR A 415 4.96 -17.90 23.55
CA TYR A 415 3.84 -18.78 23.87
C TYR A 415 4.18 -19.64 25.07
N ARG A 416 3.20 -19.81 25.96
CA ARG A 416 3.30 -20.70 27.11
C ARG A 416 2.30 -21.83 26.92
N ASP A 417 2.79 -23.06 27.02
CA ASP A 417 1.93 -24.23 26.89
C ASP A 417 1.03 -24.38 28.11
N GLY A 418 -0.22 -24.77 27.87
CA GLY A 418 -1.19 -24.94 28.93
C GLY A 418 -1.17 -26.27 29.64
N ARG A 419 -0.32 -27.20 29.22
CA ARG A 419 -0.20 -28.53 29.82
C ARG A 419 1.10 -28.73 30.58
N THR A 420 2.25 -28.45 29.96
CA THR A 420 3.54 -28.66 30.58
C THR A 420 4.13 -27.40 31.20
N GLY A 421 3.75 -26.23 30.70
CA GLY A 421 4.28 -24.97 31.20
C GLY A 421 5.52 -24.48 30.50
N GLU A 422 5.96 -25.15 29.43
CA GLU A 422 7.13 -24.69 28.70
C GLU A 422 6.86 -23.35 28.03
N LEU A 423 7.92 -22.55 27.93
CA LEU A 423 7.87 -21.23 27.30
C LEU A 423 8.72 -21.28 26.04
N GLY A 424 8.15 -20.82 24.92
CA GLY A 424 8.85 -20.84 23.65
C GLY A 424 8.55 -19.60 22.85
N TYR A 425 9.27 -19.47 21.72
CA TYR A 425 9.22 -18.28 20.89
C TYR A 425 8.94 -18.71 19.46
N LEU A 426 8.06 -17.96 18.78
CA LEU A 426 7.64 -18.28 17.43
C LEU A 426 8.28 -17.35 16.41
N ASN A 427 8.37 -17.85 15.18
CA ASN A 427 8.79 -17.02 14.06
C ASN A 427 7.80 -15.88 13.89
N PRO A 428 8.24 -14.60 13.86
CA PRO A 428 7.26 -13.50 13.90
C PRO A 428 6.25 -13.50 12.76
N GLY A 429 6.64 -13.88 11.55
CA GLY A 429 5.76 -13.82 10.40
C GLY A 429 5.19 -15.16 9.99
N VAL A 430 4.84 -15.99 10.97
CA VAL A 430 4.40 -17.35 10.68
C VAL A 430 2.90 -17.35 10.38
N PHE A 431 2.51 -18.17 9.40
CA PHE A 431 1.11 -18.32 9.01
C PHE A 431 0.47 -16.98 8.64
N THR A 432 1.19 -16.17 7.88
CA THR A 432 0.69 -14.88 7.45
C THR A 432 1.31 -14.50 6.11
N GLN A 433 0.60 -13.62 5.38
CA GLN A 433 1.05 -13.15 4.08
C GLN A 433 1.31 -11.64 4.03
N SER A 434 0.76 -10.86 4.97
CA SER A 434 0.98 -9.42 5.05
C SER A 434 1.71 -9.11 6.34
N ARG A 435 2.00 -7.82 6.54
CA ARG A 435 2.71 -7.35 7.72
C ARG A 435 2.07 -6.09 8.31
N ARG A 436 0.75 -5.93 8.11
CA ARG A 436 0.00 -4.84 8.72
C ARG A 436 -0.61 -5.21 10.06
N TRP A 437 -0.47 -6.46 10.50
CA TRP A 437 -0.97 -6.88 11.81
C TRP A 437 -0.15 -6.33 12.96
N LYS A 438 0.99 -5.70 12.68
CA LYS A 438 1.83 -5.10 13.71
C LYS A 438 1.34 -3.73 14.15
N ASP A 439 0.21 -3.25 13.62
CA ASP A 439 -0.26 -1.89 13.86
C ASP A 439 -1.75 -1.79 14.12
N HIS A 440 -2.46 -2.90 14.25
CA HIS A 440 -3.91 -2.89 14.49
C HIS A 440 -4.28 -3.98 15.48
N ALA A 441 -5.05 -3.60 16.51
CA ALA A 441 -5.40 -4.54 17.56
C ALA A 441 -6.27 -5.67 17.03
N ASP A 442 -7.24 -5.35 16.17
CA ASP A 442 -8.16 -6.37 15.68
C ASP A 442 -7.45 -7.45 14.88
N MET A 443 -6.52 -7.05 14.00
CA MET A 443 -5.76 -8.03 13.24
C MET A 443 -4.90 -8.88 14.16
N LEU A 444 -4.37 -8.25 15.22
CA LEU A 444 -3.60 -9.01 16.20
C LEU A 444 -4.48 -10.06 16.88
N LYS A 445 -5.72 -9.70 17.22
CA LYS A 445 -6.62 -10.66 17.84
C LYS A 445 -6.94 -11.82 16.89
N GLN A 446 -7.19 -11.50 15.62
CA GLN A 446 -7.46 -12.57 14.65
C GLN A 446 -6.25 -13.48 14.48
N TYR A 447 -5.05 -12.90 14.44
CA TYR A 447 -3.84 -13.71 14.36
C TYR A 447 -3.68 -14.58 15.59
N ALA A 448 -4.01 -14.05 16.77
CA ALA A 448 -3.92 -14.84 17.99
C ALA A 448 -4.88 -16.03 17.95
N THR A 449 -6.12 -15.79 17.49
CA THR A 449 -7.07 -16.89 17.39
C THR A 449 -6.61 -17.93 16.37
N CYS A 450 -6.07 -17.49 15.25
CA CYS A 450 -5.57 -18.43 14.25
C CYS A 450 -4.42 -19.26 14.80
N LEU A 451 -3.49 -18.62 15.51
CA LEU A 451 -2.39 -19.37 16.13
C LEU A 451 -2.92 -20.34 17.17
N SER A 452 -3.95 -19.93 17.92
CA SER A 452 -4.53 -20.83 18.92
C SER A 452 -5.12 -22.07 18.27
N ARG A 453 -5.81 -21.90 17.14
CA ARG A 453 -6.37 -23.08 16.48
C ARG A 453 -5.32 -23.92 15.78
N LEU A 454 -4.23 -23.32 15.30
CA LEU A 454 -3.26 -24.04 14.48
C LEU A 454 -2.15 -24.72 15.28
N LEU A 455 -1.71 -24.13 16.39
CA LEU A 455 -0.62 -24.71 17.15
C LEU A 455 -0.86 -26.14 17.66
N PRO A 456 -2.09 -26.60 17.93
CA PRO A 456 -2.25 -28.01 18.32
C PRO A 456 -1.77 -29.01 17.28
N LYS A 457 -1.62 -28.63 16.02
CA LYS A 457 -1.00 -29.52 15.06
C LYS A 457 0.49 -29.69 15.33
N TYR A 458 1.11 -28.79 16.09
CA TYR A 458 2.54 -28.82 16.38
C TYR A 458 2.81 -29.14 17.85
N ASN A 459 2.02 -30.04 18.44
CA ASN A 459 2.33 -30.69 19.72
C ASN A 459 2.25 -29.69 20.88
N VAL A 460 1.40 -28.67 20.75
CA VAL A 460 1.24 -27.63 21.76
C VAL A 460 -0.21 -27.60 22.20
N THR A 461 -0.45 -27.67 23.50
CA THR A 461 -1.79 -27.67 24.03
C THR A 461 -2.35 -26.25 23.98
N GLU A 462 -3.47 -26.01 24.67
CA GLU A 462 -4.14 -24.72 24.70
C GLU A 462 -3.16 -23.63 25.16
N PRO A 463 -2.66 -22.77 24.28
CA PRO A 463 -1.55 -21.89 24.66
C PRO A 463 -2.02 -20.56 25.24
N GLN A 464 -1.05 -19.83 25.78
CA GLN A 464 -1.22 -18.42 26.10
C GLN A 464 -0.14 -17.66 25.34
N ILE A 465 -0.56 -16.71 24.49
CA ILE A 465 0.32 -16.05 23.54
C ILE A 465 0.49 -14.60 23.98
N TYR A 466 1.74 -14.13 23.94
CA TYR A 466 2.08 -12.75 24.24
C TYR A 466 2.86 -12.16 23.07
N PHE A 467 2.58 -10.89 22.78
CA PHE A 467 3.22 -10.17 21.69
C PHE A 467 4.02 -9.00 22.25
N ASP A 468 5.15 -8.71 21.59
CA ASP A 468 5.98 -7.56 21.95
C ASP A 468 6.47 -6.94 20.64
N ILE A 469 5.91 -5.79 20.28
CA ILE A 469 6.15 -5.15 18.99
C ILE A 469 6.67 -3.75 19.23
N TRP A 470 7.73 -3.38 18.53
CA TRP A 470 8.33 -2.05 18.60
C TRP A 470 8.11 -1.35 17.27
N VAL A 471 7.67 -0.09 17.33
CA VAL A 471 7.36 0.68 16.12
C VAL A 471 7.51 2.16 16.43
N SER A 472 7.99 2.92 15.44
CA SER A 472 8.11 4.36 15.53
C SER A 472 7.47 5.00 14.32
N ILE A 473 6.66 6.03 14.55
CA ILE A 473 5.95 6.76 13.51
C ILE A 473 6.68 8.08 13.29
N ASN A 474 7.07 8.33 12.04
CA ASN A 474 7.66 9.61 11.63
C ASN A 474 8.92 9.92 12.45
N ASP A 475 9.73 8.89 12.67
CA ASP A 475 11.07 9.05 13.25
C ASP A 475 11.02 9.63 14.65
N ARG A 476 10.28 8.95 15.53
CA ARG A 476 10.27 9.20 16.97
C ARG A 476 10.99 8.06 17.68
N PHE A 477 11.00 8.13 19.01
CA PHE A 477 11.55 7.03 19.79
C PHE A 477 10.76 5.76 19.54
N GLN A 478 11.48 4.68 19.27
CA GLN A 478 10.86 3.38 19.08
C GLN A 478 10.28 2.92 20.42
N GLN A 479 9.02 2.50 20.42
CA GLN A 479 8.29 2.26 21.65
C GLN A 479 7.26 1.17 21.42
N ARG A 480 6.89 0.49 22.51
CA ARG A 480 5.91 -0.59 22.43
C ARG A 480 4.54 -0.04 22.01
N ILE A 481 3.79 -0.89 21.33
CA ILE A 481 2.45 -0.55 20.87
C ILE A 481 1.36 -1.38 21.55
N PHE A 482 1.67 -2.57 22.05
CA PHE A 482 0.75 -3.38 22.82
C PHE A 482 1.42 -3.83 24.12
N ASP A 483 0.60 -4.03 25.15
CA ASP A 483 1.12 -4.44 26.44
C ASP A 483 1.69 -5.86 26.32
N PRO A 484 2.96 -6.10 26.66
CA PRO A 484 3.52 -7.44 26.51
C PRO A 484 3.18 -8.41 27.64
N ARG A 485 2.28 -8.04 28.55
CA ARG A 485 1.91 -8.87 29.68
C ARG A 485 0.46 -9.36 29.61
N VAL A 486 -0.17 -9.27 28.43
CA VAL A 486 -1.59 -9.57 28.27
C VAL A 486 -1.74 -10.73 27.29
N ASP A 487 -2.48 -11.76 27.70
CA ASP A 487 -2.77 -12.89 26.82
C ASP A 487 -3.80 -12.46 25.79
N ILE A 488 -3.34 -12.26 24.55
CA ILE A 488 -4.23 -11.77 23.50
C ILE A 488 -5.33 -12.76 23.18
N VAL A 489 -5.10 -14.06 23.38
CA VAL A 489 -6.12 -15.06 23.09
C VAL A 489 -7.34 -14.84 23.97
N GLN A 490 -7.12 -14.58 25.26
CA GLN A 490 -8.19 -14.34 26.21
C GLN A 490 -8.47 -12.86 26.43
N ALA A 491 -7.87 -11.97 25.65
CA ALA A 491 -8.09 -10.55 25.81
C ALA A 491 -9.49 -10.16 25.36
N ALA A 492 -9.92 -8.98 25.79
CA ALA A 492 -11.25 -8.47 25.49
C ALA A 492 -11.17 -7.46 24.36
N TRP A 493 -12.06 -7.61 23.38
CA TRP A 493 -12.13 -6.69 22.25
C TRP A 493 -13.56 -6.66 21.71
N SER A 494 -14.07 -5.46 21.47
CA SER A 494 -15.32 -5.25 20.77
C SER A 494 -15.18 -4.06 19.83
N PRO A 495 -15.95 -4.00 18.73
CA PRO A 495 -15.75 -2.89 17.78
C PRO A 495 -15.99 -1.51 18.36
N PHE A 496 -16.96 -1.36 19.27
CA PHE A 496 -17.45 -0.06 19.71
C PHE A 496 -17.00 0.31 21.12
N GLN A 497 -15.90 -0.26 21.60
CA GLN A 497 -15.31 0.13 22.88
C GLN A 497 -13.80 0.26 22.73
N ARG A 498 -13.21 1.15 23.51
CA ARG A 498 -11.78 1.40 23.42
C ARG A 498 -11.01 0.19 23.93
N THR A 499 -9.93 -0.15 23.22
CA THR A 499 -9.10 -1.27 23.62
C THR A 499 -8.23 -0.88 24.81
N SER A 500 -8.17 -1.76 25.81
CA SER A 500 -7.49 -1.48 27.07
C SER A 500 -6.04 -1.95 27.10
N TRP A 501 -5.54 -2.55 26.02
CA TRP A 501 -4.16 -3.06 25.96
C TRP A 501 -3.44 -2.51 24.74
N VAL A 502 -3.72 -1.26 24.38
CA VAL A 502 -2.99 -0.52 23.36
C VAL A 502 -2.29 0.63 24.05
N GLN A 503 -0.97 0.67 23.94
CA GLN A 503 -0.19 1.66 24.66
C GLN A 503 -0.38 3.05 24.04
N PRO A 504 -0.44 4.12 24.83
CA PRO A 504 -0.56 5.45 24.24
C PRO A 504 0.73 5.87 23.56
N LEU A 505 0.61 6.76 22.58
CA LEU A 505 1.76 7.34 21.90
C LEU A 505 2.22 8.58 22.66
N LEU A 506 3.49 8.60 23.06
CA LEU A 506 4.05 9.71 23.84
C LEU A 506 4.38 10.85 22.88
N MET A 507 3.49 11.85 22.84
CA MET A 507 3.74 13.05 22.07
C MET A 507 4.64 14.05 22.80
N ASP A 508 4.85 13.87 24.11
CA ASP A 508 5.70 14.78 24.86
C ASP A 508 7.16 14.72 24.43
N LEU A 509 7.59 13.62 23.82
CA LEU A 509 8.97 13.43 23.39
C LEU A 509 9.19 13.86 21.94
N SER A 510 8.21 14.52 21.33
CA SER A 510 8.35 14.94 19.93
C SER A 510 9.55 15.87 19.68
N PRO A 511 9.76 16.95 20.43
CA PRO A 511 10.86 17.87 20.07
C PRO A 511 12.23 17.23 20.09
N TRP A 512 12.40 16.12 20.80
CA TRP A 512 13.67 15.40 20.79
C TRP A 512 14.09 14.99 19.39
N ARG A 513 13.15 14.86 18.46
CA ARG A 513 13.50 14.55 17.07
C ARG A 513 14.52 15.52 16.50
N ALA A 514 14.56 16.76 16.97
CA ALA A 514 15.65 17.64 16.59
C ALA A 514 16.98 17.08 17.07
N LYS A 515 17.14 16.94 18.39
CA LYS A 515 18.44 16.60 18.96
C LYS A 515 18.93 15.25 18.48
N LEU A 516 18.03 14.25 18.42
CA LEU A 516 18.41 12.93 17.93
C LEU A 516 19.04 13.01 16.54
N GLN A 517 18.49 13.88 15.68
CA GLN A 517 19.03 13.99 14.33
C GLN A 517 20.48 14.45 14.38
N GLU A 518 20.80 15.39 15.29
CA GLU A 518 22.19 15.81 15.45
C GLU A 518 23.05 14.62 15.84
N ILE A 519 22.55 13.78 16.75
CA ILE A 519 23.30 12.60 17.16
C ILE A 519 23.46 11.65 15.98
N LYS A 520 22.49 11.65 15.06
CA LYS A 520 22.64 10.81 13.88
C LYS A 520 23.76 11.29 12.97
N SER A 521 24.10 12.57 13.01
CA SER A 521 25.13 13.15 12.16
C SER A 521 26.51 13.16 12.80
N SER A 522 26.65 12.72 14.05
CA SER A 522 27.91 12.75 14.77
C SER A 522 28.63 11.40 14.75
N LEU A 523 28.15 10.43 13.97
CA LEU A 523 28.68 9.08 13.95
C LEU A 523 29.63 8.89 12.77
N ASP A 524 30.41 7.81 12.84
CA ASP A 524 31.32 7.44 11.76
C ASP A 524 30.52 6.71 10.68
N ASN A 525 31.22 6.19 9.67
CA ASN A 525 30.59 5.44 8.60
C ASN A 525 30.25 4.01 9.00
N HIS A 526 30.70 3.54 10.16
CA HIS A 526 30.46 2.19 10.64
C HIS A 526 29.48 2.12 11.80
N THR A 527 29.55 3.07 12.73
CA THR A 527 28.72 3.03 13.92
C THR A 527 27.25 3.24 13.56
N GLU A 528 26.38 2.65 14.38
CA GLU A 528 24.93 2.78 14.21
C GLU A 528 24.29 3.00 15.56
N VAL A 529 23.10 3.62 15.54
CA VAL A 529 22.40 4.07 16.73
C VAL A 529 20.92 3.69 16.63
N VAL A 530 20.35 3.29 17.77
CA VAL A 530 18.93 2.99 17.89
C VAL A 530 18.42 3.61 19.18
N PHE A 531 17.33 4.38 19.07
CA PHE A 531 16.79 5.11 20.22
C PHE A 531 15.53 4.42 20.73
N ILE A 532 15.47 4.22 22.05
CA ILE A 532 14.40 3.45 22.69
C ILE A 532 13.77 4.30 23.79
N ALA A 533 12.46 4.18 23.94
CA ALA A 533 11.71 4.77 25.04
C ALA A 533 10.81 3.70 25.63
N ASP A 534 10.72 3.68 26.97
CA ASP A 534 10.05 2.60 27.68
C ASP A 534 9.20 3.15 28.81
N PHE A 535 8.11 2.44 29.10
CA PHE A 535 7.22 2.78 30.20
C PHE A 535 7.85 2.42 31.55
N PRO A 536 7.31 2.98 32.64
CA PRO A 536 7.68 2.45 33.95
C PRO A 536 7.07 1.07 34.20
N GLY A 537 7.77 0.27 34.99
CA GLY A 537 7.29 -1.05 35.35
C GLY A 537 7.75 -2.14 34.40
N LEU A 538 7.71 -1.86 33.10
CA LEU A 538 8.13 -2.82 32.11
C LEU A 538 9.66 -2.93 32.07
N HIS A 539 10.15 -3.96 31.38
CA HIS A 539 11.57 -4.19 31.20
C HIS A 539 11.80 -4.79 29.82
N LEU A 540 13.00 -4.56 29.29
CA LEU A 540 13.41 -5.11 28.01
C LEU A 540 14.60 -6.05 28.23
N GLU A 541 14.44 -7.29 27.80
CA GLU A 541 15.49 -8.30 27.81
C GLU A 541 16.06 -8.40 26.40
N ASN A 542 17.40 -8.39 26.30
CA ASN A 542 18.06 -8.41 25.01
C ASN A 542 19.29 -9.30 25.06
N PHE A 543 19.70 -9.78 23.89
CA PHE A 543 20.84 -10.69 23.74
C PHE A 543 21.73 -10.13 22.63
N VAL A 544 22.86 -9.53 23.02
CA VAL A 544 23.79 -8.98 22.04
C VAL A 544 24.56 -10.13 21.41
N SER A 545 24.57 -10.18 20.08
CA SER A 545 25.27 -11.24 19.38
C SER A 545 26.78 -11.08 19.53
N GLU A 546 27.50 -12.17 19.30
CA GLU A 546 28.95 -12.16 19.47
C GLU A 546 29.62 -11.23 18.47
N ASP A 547 29.06 -11.09 17.27
CA ASP A 547 29.66 -10.24 16.25
C ASP A 547 29.70 -8.79 16.69
N LEU A 548 28.63 -8.31 17.32
CA LEU A 548 28.52 -6.90 17.72
C LEU A 548 29.34 -6.67 18.99
N GLY A 549 30.65 -6.67 18.81
CA GLY A 549 31.54 -6.20 19.86
C GLY A 549 31.57 -4.69 19.91
N ASN A 550 32.00 -4.17 21.06
CA ASN A 550 32.11 -2.73 21.29
C ASN A 550 30.75 -2.04 21.17
N THR A 551 29.82 -2.52 21.98
CA THR A 551 28.46 -1.99 22.06
C THR A 551 28.32 -1.22 23.37
N SER A 552 27.66 -0.06 23.31
CA SER A 552 27.49 0.83 24.46
C SER A 552 26.04 1.24 24.60
N ILE A 553 25.67 1.57 25.83
CA ILE A 553 24.32 2.05 26.17
C ILE A 553 24.48 3.36 26.91
N GLN A 554 23.70 4.36 26.50
CA GLN A 554 23.72 5.69 27.08
C GLN A 554 22.30 6.11 27.42
N LEU A 555 22.14 6.80 28.54
CA LEU A 555 20.85 7.25 29.03
C LEU A 555 20.66 8.72 28.69
N LEU A 556 19.51 9.04 28.10
CA LEU A 556 19.16 10.41 27.72
C LEU A 556 18.20 11.07 28.70
N GLN A 557 17.18 10.35 29.18
CA GLN A 557 16.24 10.93 30.14
C GLN A 557 15.61 9.83 30.95
N GLY A 558 15.36 10.11 32.22
CA GLY A 558 14.74 9.17 33.12
C GLY A 558 15.77 8.46 34.00
N GLU A 559 15.30 7.40 34.65
CA GLU A 559 16.12 6.56 35.51
C GLU A 559 15.92 5.12 35.08
N VAL A 560 17.02 4.42 34.79
CA VAL A 560 17.00 3.03 34.37
C VAL A 560 18.04 2.26 35.16
N THR A 561 17.89 0.93 35.17
CA THR A 561 18.85 0.03 35.78
C THR A 561 19.18 -1.05 34.77
N VAL A 562 20.48 -1.24 34.52
CA VAL A 562 20.98 -2.23 33.57
C VAL A 562 21.50 -3.42 34.37
N GLU A 563 21.01 -4.61 34.06
CA GLU A 563 21.35 -5.83 34.78
C GLU A 563 22.02 -6.81 33.82
N LEU A 564 23.18 -7.32 34.24
CA LEU A 564 23.87 -8.41 33.56
C LEU A 564 23.58 -9.70 34.33
N VAL A 565 23.01 -10.68 33.63
CA VAL A 565 22.62 -11.94 34.27
C VAL A 565 23.76 -12.94 34.35
N ALA A 566 24.88 -12.70 33.67
CA ALA A 566 26.02 -13.60 33.76
C ALA A 566 26.56 -13.67 35.19
N GLU A 567 26.63 -12.51 35.85
CA GLU A 567 27.01 -12.43 37.27
C GLU A 567 25.90 -11.88 38.14
N GLN A 568 24.72 -11.61 37.59
CA GLN A 568 23.58 -11.09 38.36
C GLN A 568 23.95 -9.79 39.06
N LYS A 569 24.37 -8.80 38.27
CA LYS A 569 24.81 -7.51 38.76
C LYS A 569 24.00 -6.41 38.07
N ASN A 570 23.39 -5.54 38.87
CA ASN A 570 22.52 -4.48 38.37
C ASN A 570 23.06 -3.12 38.81
N GLN A 571 23.18 -2.20 37.85
CA GLN A 571 23.67 -0.84 38.10
C GLN A 571 22.63 0.17 37.67
N THR A 572 22.41 1.17 38.53
CA THR A 572 21.45 2.24 38.26
C THR A 572 22.16 3.38 37.54
N LEU A 573 21.64 3.76 36.38
CA LEU A 573 22.24 4.79 35.55
C LEU A 573 21.45 6.09 35.66
N ARG A 574 22.17 7.19 35.88
CA ARG A 574 21.60 8.53 35.93
C ARG A 574 21.76 9.19 34.57
N GLU A 575 21.34 10.45 34.47
CA GLU A 575 21.42 11.17 33.20
C GLU A 575 22.86 11.35 32.77
N GLY A 576 23.10 11.23 31.47
CA GLY A 576 24.43 11.46 30.92
C GLY A 576 25.48 10.49 31.40
N GLU A 577 25.14 9.21 31.46
CA GLU A 577 26.08 8.14 31.81
C GLU A 577 26.08 7.08 30.72
N LYS A 578 27.24 6.45 30.54
CA LYS A 578 27.49 5.48 29.48
C LYS A 578 28.06 4.20 30.07
N MET A 579 27.63 3.06 29.53
CA MET A 579 28.11 1.75 29.97
C MET A 579 28.45 0.90 28.76
N GLN A 580 29.49 0.10 28.90
CA GLN A 580 29.95 -0.80 27.84
C GLN A 580 29.35 -2.18 28.10
N LEU A 581 28.40 -2.58 27.26
CA LEU A 581 27.70 -3.84 27.48
C LEU A 581 28.55 -5.03 27.02
N PRO A 582 28.37 -6.21 27.62
CA PRO A 582 29.05 -7.40 27.08
C PRO A 582 28.51 -7.80 25.72
N ALA A 583 29.34 -8.52 24.98
CA ALA A 583 28.98 -9.07 23.67
C ALA A 583 28.81 -10.57 23.80
N GLY A 584 27.70 -11.09 23.29
CA GLY A 584 27.43 -12.51 23.33
C GLY A 584 26.72 -13.01 24.59
N GLU A 585 26.20 -12.11 25.41
CA GLU A 585 25.51 -12.47 26.65
C GLU A 585 24.15 -11.79 26.68
N TYR A 586 23.33 -12.17 27.66
CA TYR A 586 22.04 -11.58 27.89
C TYR A 586 22.17 -10.40 28.85
N HIS A 587 21.39 -9.36 28.60
CA HIS A 587 21.29 -8.23 29.53
C HIS A 587 19.84 -7.74 29.56
N LYS A 588 19.53 -6.96 30.58
CA LYS A 588 18.19 -6.43 30.79
C LYS A 588 18.27 -4.97 31.16
N VAL A 589 17.23 -4.23 30.79
CA VAL A 589 17.06 -2.83 31.19
C VAL A 589 15.68 -2.70 31.81
N TYR A 590 15.65 -2.19 33.05
CA TYR A 590 14.41 -1.92 33.78
C TYR A 590 14.26 -0.41 33.92
N THR A 591 13.02 0.08 33.78
CA THR A 591 12.73 1.49 33.98
C THR A 591 12.16 1.67 35.38
N THR A 592 12.79 2.56 36.16
CA THR A 592 12.46 2.76 37.56
C THR A 592 12.33 4.24 37.88
N SER A 593 11.54 4.94 37.07
CA SER A 593 11.19 6.34 37.27
C SER A 593 9.67 6.49 37.18
N PRO A 594 9.09 7.54 37.76
CA PRO A 594 7.65 7.75 37.59
C PRO A 594 7.23 7.96 36.14
N SER A 595 8.12 8.46 35.29
CA SER A 595 7.82 8.84 33.92
C SER A 595 8.51 7.88 32.95
N PRO A 596 8.15 7.91 31.66
CA PRO A 596 8.87 7.07 30.69
C PRO A 596 10.34 7.44 30.62
N SER A 597 11.18 6.44 30.33
CA SER A 597 12.62 6.61 30.27
C SER A 597 13.09 6.39 28.84
N CYS A 598 13.94 7.30 28.35
CA CYS A 598 14.48 7.25 26.99
C CYS A 598 15.99 7.08 27.04
N TYR A 599 16.49 6.10 26.29
CA TYR A 599 17.91 5.82 26.20
C TYR A 599 18.24 5.42 24.77
N MET A 600 19.49 5.06 24.52
CA MET A 600 19.98 4.83 23.17
C MET A 600 21.07 3.77 23.18
N TYR A 601 20.98 2.85 22.23
CA TYR A 601 22.02 1.86 21.94
C TYR A 601 22.89 2.41 20.81
N VAL A 602 24.20 2.34 21.00
CA VAL A 602 25.16 2.71 19.97
C VAL A 602 26.12 1.52 19.83
N TYR A 603 26.23 0.99 18.61
CA TYR A 603 26.95 -0.26 18.38
C TYR A 603 27.71 -0.19 17.07
N VAL A 604 28.72 -1.05 16.97
CA VAL A 604 29.48 -1.26 15.74
C VAL A 604 29.69 -2.75 15.54
N ASN A 605 29.61 -3.16 14.28
CA ASN A 605 29.76 -4.57 13.90
C ASN A 605 31.23 -4.84 13.64
N THR A 606 31.87 -5.59 14.56
CA THR A 606 33.31 -5.82 14.48
C THR A 606 33.65 -6.79 13.35
N THR A 607 32.84 -7.84 13.16
CA THR A 607 33.17 -8.85 12.17
C THR A 607 33.18 -8.26 10.77
N GLU A 608 32.18 -7.41 10.44
CA GLU A 608 32.16 -6.77 9.14
C GLU A 608 33.37 -5.86 8.96
N LEU A 609 33.77 -5.16 10.02
CA LEU A 609 34.94 -4.29 9.93
C LEU A 609 36.20 -5.10 9.64
N ALA A 610 36.40 -6.21 10.35
CA ALA A 610 37.58 -7.04 10.12
C ALA A 610 37.57 -7.62 8.72
N LEU A 611 36.39 -8.07 8.25
CA LEU A 611 36.30 -8.59 6.90
C LEU A 611 36.62 -7.51 5.87
N GLU A 612 36.15 -6.29 6.12
CA GLU A 612 36.42 -5.20 5.19
C GLU A 612 37.91 -4.86 5.16
N GLN A 613 38.57 -4.85 6.32
CA GLN A 613 40.01 -4.61 6.34
C GLN A 613 40.77 -5.69 5.59
N ASP A 614 40.41 -6.95 5.81
CA ASP A 614 41.07 -8.04 5.09
C ASP A 614 40.82 -7.92 3.59
N LEU A 615 39.60 -7.57 3.20
CA LEU A 615 39.27 -7.45 1.79
C LEU A 615 40.05 -6.29 1.15
N ALA A 616 40.18 -5.17 1.88
CA ALA A 616 40.96 -4.06 1.38
C ALA A 616 42.44 -4.42 1.25
N TYR A 617 42.96 -5.19 2.21
CA TYR A 617 44.34 -5.67 2.10
C TYR A 617 44.52 -6.53 0.85
N LEU A 618 43.57 -7.43 0.59
CA LEU A 618 43.67 -8.28 -0.59
C LEU A 618 43.57 -7.46 -1.87
N GLN A 619 42.71 -6.43 -1.88
CA GLN A 619 42.59 -5.54 -3.03
C GLN A 619 43.90 -4.83 -3.27
N GLU A 620 44.53 -4.33 -2.19
CA GLU A 620 45.82 -3.67 -2.32
C GLU A 620 46.86 -4.62 -2.89
N LEU A 621 46.84 -5.88 -2.45
CA LEU A 621 47.80 -6.85 -2.98
C LEU A 621 47.59 -7.10 -4.47
N LYS A 622 46.34 -7.25 -4.92
CA LYS A 622 46.16 -7.50 -6.35
C LYS A 622 46.57 -6.27 -7.15
N GLU A 623 46.28 -5.06 -6.65
CA GLU A 623 46.69 -3.87 -7.38
C GLU A 623 48.20 -3.76 -7.47
N LYS A 624 48.92 -4.12 -6.40
CA LYS A 624 50.37 -4.18 -6.50
C LYS A 624 50.82 -5.21 -7.52
N VAL A 625 50.16 -6.37 -7.58
CA VAL A 625 50.55 -7.38 -8.56
C VAL A 625 50.33 -6.87 -9.99
N GLU A 626 49.19 -6.22 -10.24
CA GLU A 626 48.87 -5.80 -11.60
C GLU A 626 49.78 -4.69 -12.09
N ASN A 627 50.10 -3.71 -11.25
CA ASN A 627 50.88 -2.56 -11.71
C ASN A 627 52.38 -2.86 -11.82
N GLY A 628 52.82 -4.10 -11.56
CA GLY A 628 54.19 -4.50 -11.71
C GLY A 628 54.97 -4.59 -10.41
N SER A 629 54.48 -3.99 -9.34
CA SER A 629 55.13 -4.13 -8.05
C SER A 629 54.89 -5.53 -7.50
N GLU A 630 55.54 -5.82 -6.36
CA GLU A 630 55.50 -7.14 -5.74
C GLU A 630 56.00 -8.21 -6.71
N THR A 631 57.28 -8.08 -7.08
CA THR A 631 57.87 -8.97 -8.07
C THR A 631 57.95 -10.42 -7.59
N GLY A 632 57.90 -10.65 -6.28
CA GLY A 632 58.01 -11.99 -5.75
C GLY A 632 56.82 -12.85 -6.15
N PRO A 633 56.97 -14.18 -6.09
CA PRO A 633 55.86 -15.05 -6.50
C PRO A 633 54.64 -14.86 -5.60
N LEU A 634 53.47 -14.94 -6.22
CA LEU A 634 52.23 -14.79 -5.47
C LEU A 634 51.99 -16.02 -4.59
N PRO A 635 51.26 -15.87 -3.48
CA PRO A 635 50.89 -17.05 -2.71
C PRO A 635 49.93 -17.92 -3.49
N PRO A 636 49.84 -19.21 -3.18
CA PRO A 636 48.86 -20.06 -3.88
C PRO A 636 47.42 -19.62 -3.68
N GLU A 637 47.10 -19.08 -2.51
CA GLU A 637 45.71 -18.65 -2.25
C GLU A 637 45.33 -17.44 -3.11
N LEU A 638 46.33 -16.70 -3.59
CA LEU A 638 46.05 -15.54 -4.44
C LEU A 638 45.89 -15.94 -5.90
N GLN A 639 46.41 -17.11 -6.30
CA GLN A 639 46.32 -17.52 -7.71
C GLN A 639 44.89 -17.62 -8.23
N PRO A 640 43.91 -18.16 -7.48
CA PRO A 640 42.53 -18.13 -7.99
C PRO A 640 42.01 -16.72 -8.27
N LEU A 641 42.47 -15.71 -7.54
CA LEU A 641 42.03 -14.35 -7.80
C LEU A 641 42.46 -13.88 -9.17
N LEU A 642 43.74 -14.10 -9.52
CA LEU A 642 44.21 -13.71 -10.85
C LEU A 642 43.56 -14.57 -11.93
N GLU A 643 43.48 -15.88 -11.70
CA GLU A 643 42.79 -16.75 -12.65
C GLU A 643 41.31 -16.42 -12.73
N GLY A 644 40.68 -16.19 -11.58
CA GLY A 644 39.27 -15.88 -11.53
C GLY A 644 38.34 -17.07 -11.62
N GLU A 645 38.87 -18.28 -11.71
CA GLU A 645 38.06 -19.49 -11.82
C GLU A 645 38.69 -20.60 -10.99
N VAL A 646 37.86 -21.35 -10.28
CA VAL A 646 38.32 -22.50 -9.48
C VAL A 646 38.19 -23.72 -10.39
N LYS A 647 39.29 -24.10 -11.02
CA LYS A 647 39.36 -25.27 -11.88
C LYS A 647 40.70 -25.95 -11.70
N GLY A 648 40.66 -27.24 -11.35
CA GLY A 648 41.89 -27.99 -11.16
C GLY A 648 42.74 -27.49 -10.01
N GLY A 649 42.12 -27.23 -8.86
CA GLY A 649 42.84 -26.76 -7.71
C GLY A 649 42.03 -26.87 -6.42
N PRO A 650 42.64 -26.52 -5.30
CA PRO A 650 41.91 -26.59 -4.02
C PRO A 650 40.78 -25.59 -3.96
N GLU A 651 39.78 -25.90 -3.13
CA GLU A 651 38.63 -25.02 -3.01
C GLU A 651 39.07 -23.69 -2.39
N PRO A 652 38.51 -22.56 -2.82
CA PRO A 652 38.96 -21.27 -2.28
C PRO A 652 38.56 -21.11 -0.81
N THR A 653 39.31 -20.27 -0.11
CA THR A 653 38.97 -19.94 1.26
C THR A 653 37.76 -19.01 1.26
N PRO A 654 37.06 -18.88 2.41
CA PRO A 654 35.88 -17.99 2.43
C PRO A 654 36.18 -16.56 2.06
N LEU A 655 37.37 -16.06 2.40
CA LEU A 655 37.74 -14.69 2.05
C LEU A 655 37.80 -14.52 0.53
N VAL A 656 38.38 -15.49 -0.17
CA VAL A 656 38.46 -15.43 -1.62
C VAL A 656 37.08 -15.49 -2.24
N GLN A 657 36.22 -16.36 -1.72
CA GLN A 657 34.85 -16.46 -2.24
C GLN A 657 34.10 -15.15 -2.05
N THR A 658 34.22 -14.54 -0.86
CA THR A 658 33.56 -13.27 -0.62
C THR A 658 34.10 -12.18 -1.54
N PHE A 659 35.41 -12.18 -1.76
CA PHE A 659 36.01 -11.15 -2.63
C PHE A 659 35.50 -11.30 -4.06
N LEU A 660 35.52 -12.52 -4.59
CA LEU A 660 35.03 -12.74 -5.96
C LEU A 660 33.54 -12.41 -6.06
N ARG A 661 32.75 -12.76 -5.04
CA ARG A 661 31.33 -12.44 -5.08
C ARG A 661 31.11 -10.93 -5.09
N ARG A 662 31.86 -10.20 -4.26
CA ARG A 662 31.72 -8.74 -4.24
C ARG A 662 32.11 -8.14 -5.59
N GLN A 663 33.21 -8.62 -6.18
CA GLN A 663 33.63 -8.08 -7.47
C GLN A 663 32.59 -8.36 -8.55
N GLN A 664 32.06 -9.59 -8.58
CA GLN A 664 31.04 -9.92 -9.57
C GLN A 664 29.79 -9.08 -9.36
N ARG A 665 29.38 -8.87 -8.11
CA ARG A 665 28.21 -8.05 -7.84
C ARG A 665 28.43 -6.62 -8.29
N LEU A 666 29.60 -6.05 -8.02
CA LEU A 666 29.88 -4.68 -8.43
C LEU A 666 29.87 -4.56 -9.95
N GLN A 667 30.46 -5.53 -10.65
CA GLN A 667 30.43 -5.51 -12.11
C GLN A 667 29.00 -5.62 -12.64
N GLU A 668 28.18 -6.47 -12.01
CA GLU A 668 26.80 -6.61 -12.45
C GLU A 668 26.02 -5.32 -12.25
N ILE A 669 26.20 -4.65 -11.11
CA ILE A 669 25.52 -3.37 -10.88
C ILE A 669 26.00 -2.35 -11.90
N GLU A 670 27.31 -2.28 -12.15
CA GLU A 670 27.82 -1.31 -13.11
C GLU A 670 27.26 -1.56 -14.50
N ARG A 671 27.14 -2.83 -14.89
CA ARG A 671 26.53 -3.15 -16.18
C ARG A 671 25.06 -2.74 -16.21
N ARG A 672 24.36 -2.94 -15.09
CA ARG A 672 22.95 -2.56 -15.04
C ARG A 672 22.78 -1.04 -15.21
N ARG A 673 23.66 -0.27 -14.57
CA ARG A 673 23.59 1.19 -14.70
C ARG A 673 23.80 1.63 -16.14
N ASN A 674 24.75 1.00 -16.84
CA ASN A 674 25.06 1.34 -18.22
C ASN A 674 24.13 0.56 -19.16
N THR A 675 22.87 0.98 -19.17
CA THR A 675 21.82 0.36 -19.97
C THR A 675 21.06 1.45 -20.72
N PRO A 676 20.91 1.36 -22.05
CA PRO A 676 20.13 2.38 -22.76
C PRO A 676 18.64 2.25 -22.48
N PHE A 677 17.93 3.35 -22.75
CA PHE A 677 16.52 3.47 -22.39
C PHE A 677 15.65 2.45 -23.14
N HIS A 678 15.92 2.24 -24.43
CA HIS A 678 15.04 1.39 -25.24
C HIS A 678 15.03 -0.05 -24.71
N GLU A 679 16.17 -0.55 -24.26
CA GLU A 679 16.21 -1.89 -23.68
C GLU A 679 15.34 -1.98 -22.43
N ARG A 680 15.40 -0.95 -21.56
CA ARG A 680 14.57 -0.97 -20.36
C ARG A 680 13.09 -0.95 -20.72
N PHE A 681 12.72 -0.13 -21.71
CA PHE A 681 11.33 -0.09 -22.15
C PHE A 681 10.89 -1.45 -22.69
N PHE A 682 11.75 -2.10 -23.48
CA PHE A 682 11.41 -3.40 -24.04
C PHE A 682 11.22 -4.45 -22.95
N ARG A 683 12.12 -4.46 -21.95
CA ARG A 683 11.97 -5.41 -20.85
C ARG A 683 10.70 -5.16 -20.07
N PHE A 684 10.34 -3.89 -19.85
CA PHE A 684 9.10 -3.56 -19.16
C PHE A 684 7.90 -4.12 -19.92
N LEU A 685 7.86 -3.89 -21.23
CA LEU A 685 6.74 -4.40 -22.03
C LEU A 685 6.68 -5.92 -21.99
N LEU A 686 7.84 -6.58 -22.10
CA LEU A 686 7.84 -8.05 -22.08
C LEU A 686 7.36 -8.58 -20.74
N ARG A 687 7.76 -7.95 -19.63
CA ARG A 687 7.31 -8.39 -18.32
C ARG A 687 5.80 -8.24 -18.18
N LYS A 688 5.26 -7.11 -18.64
CA LYS A 688 3.81 -6.93 -18.56
C LYS A 688 3.08 -7.96 -19.41
N LEU A 689 3.59 -8.23 -20.61
CA LEU A 689 2.99 -9.24 -21.47
C LEU A 689 3.01 -10.60 -20.80
N TYR A 690 4.11 -10.92 -20.10
CA TYR A 690 4.20 -12.18 -19.36
C TYR A 690 3.11 -12.26 -18.31
N VAL A 691 2.90 -11.17 -17.57
CA VAL A 691 1.86 -11.17 -16.53
C VAL A 691 0.49 -11.42 -17.14
N PHE A 692 0.17 -10.71 -18.23
CA PHE A 692 -1.14 -10.88 -18.85
C PHE A 692 -1.33 -12.30 -19.36
N ARG A 693 -0.31 -12.85 -20.04
CA ARG A 693 -0.43 -14.19 -20.59
C ARG A 693 -0.62 -15.23 -19.49
N ARG A 694 0.14 -15.12 -18.40
CA ARG A 694 0.01 -16.08 -17.32
C ARG A 694 -1.38 -16.02 -16.72
N SER A 695 -1.91 -14.81 -16.50
CA SER A 695 -3.25 -14.68 -15.94
C SER A 695 -4.28 -15.34 -16.84
N PHE A 696 -4.21 -15.07 -18.14
CA PHE A 696 -5.19 -15.64 -19.06
C PHE A 696 -5.13 -17.16 -19.09
N LEU A 697 -3.92 -17.72 -19.17
CA LEU A 697 -3.79 -19.17 -19.24
C LEU A 697 -4.29 -19.84 -17.96
N MET A 698 -3.94 -19.30 -16.79
CA MET A 698 -4.44 -19.90 -15.55
C MET A 698 -5.95 -19.85 -15.48
N THR A 699 -6.54 -18.73 -15.91
CA THR A 699 -7.99 -18.62 -15.91
C THR A 699 -8.62 -19.68 -16.81
N CYS A 700 -8.05 -19.88 -18.01
CA CYS A 700 -8.61 -20.89 -18.92
C CYS A 700 -8.49 -22.29 -18.34
N ILE A 701 -7.34 -22.62 -17.75
CA ILE A 701 -7.15 -23.94 -17.16
C ILE A 701 -8.21 -24.19 -16.08
N SER A 702 -8.43 -23.21 -15.21
CA SER A 702 -9.37 -23.44 -14.12
C SER A 702 -10.81 -23.50 -14.61
N LEU A 703 -11.15 -22.70 -15.62
CA LEU A 703 -12.50 -22.79 -16.18
C LEU A 703 -12.73 -24.17 -16.79
N ARG A 704 -11.72 -24.71 -17.48
CA ARG A 704 -11.85 -26.07 -18.01
C ARG A 704 -12.02 -27.06 -16.87
N ASN A 705 -11.26 -26.89 -15.78
CA ASN A 705 -11.39 -27.79 -14.64
C ASN A 705 -12.81 -27.74 -14.06
N LEU A 706 -13.37 -26.54 -13.94
CA LEU A 706 -14.73 -26.41 -13.42
C LEU A 706 -15.74 -27.10 -14.32
N ILE A 707 -15.64 -26.87 -15.63
CA ILE A 707 -16.71 -27.30 -16.53
C ILE A 707 -16.55 -28.79 -16.85
N LEU A 708 -15.42 -29.15 -17.46
CA LEU A 708 -15.22 -30.50 -17.97
C LEU A 708 -14.58 -31.44 -16.94
N GLY A 709 -14.32 -30.96 -15.73
CA GLY A 709 -13.70 -31.77 -14.70
C GLY A 709 -12.18 -31.68 -14.71
N ARG A 710 -11.58 -32.32 -13.71
CA ARG A 710 -10.14 -32.22 -13.47
C ARG A 710 -9.45 -33.41 -14.12
N PRO A 711 -8.56 -33.23 -15.13
CA PRO A 711 -7.87 -34.40 -15.69
C PRO A 711 -6.83 -34.98 -14.77
N SER A 712 -5.99 -35.87 -15.30
CA SER A 712 -4.94 -36.50 -14.52
C SER A 712 -3.89 -35.48 -14.10
N LEU A 713 -3.03 -35.89 -13.18
CA LEU A 713 -2.03 -34.97 -12.62
C LEU A 713 -0.98 -34.59 -13.66
N GLU A 714 -0.58 -35.54 -14.51
CA GLU A 714 0.46 -35.26 -15.50
C GLU A 714 0.03 -34.16 -16.47
N GLN A 715 -1.21 -34.23 -16.95
CA GLN A 715 -1.70 -33.20 -17.86
C GLN A 715 -1.76 -31.85 -17.17
N LEU A 716 -2.20 -31.82 -15.91
CA LEU A 716 -2.22 -30.56 -15.16
C LEU A 716 -0.82 -29.99 -15.01
N ALA A 717 0.16 -30.85 -14.72
CA ALA A 717 1.54 -30.41 -14.60
C ALA A 717 2.04 -29.84 -15.92
N GLN A 718 1.73 -30.50 -17.03
CA GLN A 718 2.17 -30.02 -18.34
C GLN A 718 1.57 -28.65 -18.64
N GLU A 719 0.26 -28.49 -18.41
CA GLU A 719 -0.36 -27.19 -18.70
C GLU A 719 0.18 -26.10 -17.79
N VAL A 720 0.40 -26.40 -16.51
CA VAL A 720 0.94 -25.40 -15.60
C VAL A 720 2.36 -25.01 -16.02
N THR A 721 3.15 -25.99 -16.46
CA THR A 721 4.50 -25.68 -16.96
C THR A 721 4.43 -24.80 -18.19
N TYR A 722 3.50 -25.09 -19.09
CA TYR A 722 3.34 -24.27 -20.29
C TYR A 722 2.90 -22.85 -19.94
N ALA A 723 2.07 -22.70 -18.92
CA ALA A 723 1.56 -21.37 -18.56
C ALA A 723 2.67 -20.46 -18.06
N ASN A 724 3.60 -21.00 -17.28
CA ASN A 724 4.63 -20.18 -16.65
C ASN A 724 5.79 -19.83 -17.59
N LEU A 725 5.78 -20.32 -18.83
CA LEU A 725 6.89 -20.09 -19.73
C LEU A 725 7.03 -18.60 -20.05
N ARG A 726 8.28 -18.13 -20.09
CA ARG A 726 8.53 -16.74 -20.40
C ARG A 726 8.24 -16.49 -21.88
N PRO A 727 7.70 -15.29 -22.25
CA PRO A 727 7.39 -15.05 -23.67
C PRO A 727 8.57 -15.14 -24.61
N PHE A 728 9.71 -14.54 -24.21
CA PHE A 728 10.85 -14.35 -25.11
C PHE A 728 10.44 -13.70 -26.41
N SER B 31 12.46 -25.36 18.55
CA SER B 31 13.41 -25.75 17.50
C SER B 31 12.88 -26.95 16.72
N LYS B 32 11.56 -27.02 16.56
CA LYS B 32 10.89 -28.10 15.83
C LYS B 32 10.11 -27.47 14.68
N GLY B 33 10.66 -27.59 13.47
CA GLY B 33 10.03 -27.01 12.30
C GLY B 33 10.38 -25.53 12.12
N ALA B 34 9.84 -24.97 11.04
CA ALA B 34 10.15 -23.58 10.70
C ALA B 34 9.48 -22.60 11.65
N ALA B 35 8.30 -22.96 12.18
CA ALA B 35 7.55 -22.02 13.01
C ALA B 35 8.30 -21.67 14.29
N PHE B 36 8.89 -22.66 14.95
CA PHE B 36 9.52 -22.46 16.25
C PHE B 36 10.97 -22.04 16.06
N VAL B 37 11.41 -21.09 16.88
CA VAL B 37 12.76 -20.52 16.81
C VAL B 37 13.36 -20.51 18.21
N SER B 38 14.69 -20.44 18.25
CA SER B 38 15.40 -20.47 19.52
C SER B 38 15.25 -19.14 20.26
N LYS B 39 15.51 -19.19 21.56
CA LYS B 39 15.42 -17.98 22.39
C LYS B 39 16.43 -16.94 21.95
N GLN B 40 17.65 -17.37 21.59
CA GLN B 40 18.67 -16.42 21.18
C GLN B 40 18.24 -15.64 19.94
N GLU B 41 17.66 -16.31 18.95
CA GLU B 41 17.21 -15.62 17.75
C GLU B 41 16.09 -14.63 18.08
N GLY B 42 15.15 -15.03 18.94
CA GLY B 42 14.06 -14.14 19.28
C GLY B 42 14.50 -12.92 20.07
N SER B 43 15.51 -13.08 20.92
CA SER B 43 15.86 -12.02 21.86
C SER B 43 16.56 -10.85 21.17
N GLU B 44 17.27 -11.10 20.08
CA GLU B 44 18.07 -10.04 19.45
C GLU B 44 17.21 -8.90 18.93
N VAL B 45 17.30 -7.74 19.57
CA VAL B 45 16.62 -6.55 19.08
C VAL B 45 17.45 -5.89 17.98
N VAL B 46 18.77 -5.84 18.16
CA VAL B 46 19.66 -5.14 17.23
C VAL B 46 20.02 -6.15 16.14
N LYS B 47 19.20 -6.16 15.08
CA LYS B 47 19.40 -7.00 13.91
C LYS B 47 19.50 -6.12 12.66
N ARG B 48 19.88 -6.73 11.55
CA ARG B 48 20.02 -6.05 10.26
C ARG B 48 18.73 -6.23 9.47
N PRO B 49 17.91 -5.19 9.25
CA PRO B 49 16.66 -5.43 8.51
C PRO B 49 16.87 -5.76 7.05
N ARG B 50 17.79 -5.07 6.36
CA ARG B 50 17.98 -5.22 4.93
C ARG B 50 19.47 -5.39 4.62
N ARG B 51 19.73 -6.16 3.56
CA ARG B 51 21.08 -6.47 3.04
C ARG B 51 22.18 -6.58 4.09
N PRO B 69 15.14 -0.45 2.72
CA PRO B 69 15.59 0.40 3.83
C PRO B 69 14.43 0.78 4.76
N ARG B 70 13.47 -0.14 4.90
CA ARG B 70 12.29 0.05 5.75
C ARG B 70 11.54 1.27 5.24
N ARG B 71 11.28 2.29 6.08
CA ARG B 71 10.46 3.48 5.75
C ARG B 71 9.21 3.14 4.96
N GLU B 72 8.57 2.02 5.33
CA GLU B 72 7.40 1.53 4.62
C GLU B 72 6.23 2.45 4.87
N VAL B 73 5.78 3.12 3.82
CA VAL B 73 4.58 3.94 3.86
C VAL B 73 3.40 3.07 3.44
N CYS B 74 2.20 3.47 3.84
CA CYS B 74 0.98 2.76 3.45
C CYS B 74 0.65 3.14 2.00
N GLU B 75 -0.55 2.80 1.52
CA GLU B 75 -0.93 3.00 0.13
C GLU B 75 0.05 2.19 -0.73
N LEU B 76 0.90 2.84 -1.55
CA LEU B 76 1.92 2.18 -2.36
C LEU B 76 1.39 0.96 -3.14
N ASN B 77 1.76 -0.26 -2.77
CA ASN B 77 1.66 -1.42 -3.64
C ASN B 77 1.96 -2.66 -2.80
N PRO B 78 1.33 -3.80 -3.08
CA PRO B 78 1.84 -5.06 -2.50
C PRO B 78 3.32 -5.34 -2.81
N ASP B 79 3.88 -4.76 -3.88
CA ASP B 79 5.33 -4.74 -4.10
C ASP B 79 5.91 -6.15 -4.18
N CYS B 80 5.53 -6.85 -5.25
CA CYS B 80 6.07 -8.15 -5.61
C CYS B 80 5.48 -9.23 -4.72
N ASP B 81 5.97 -10.47 -4.84
CA ASP B 81 5.35 -11.65 -4.22
C ASP B 81 6.42 -12.42 -3.43
N GLU B 82 6.42 -12.20 -2.11
CA GLU B 82 7.16 -13.07 -1.20
C GLU B 82 6.33 -14.28 -0.78
N LEU B 83 5.09 -14.38 -1.29
CA LEU B 83 4.10 -15.35 -0.81
C LEU B 83 4.59 -16.78 -0.90
N ALA B 84 5.52 -17.06 -1.81
CA ALA B 84 6.03 -18.42 -1.98
C ALA B 84 6.86 -18.89 -0.79
N ASP B 85 7.25 -17.99 0.11
CA ASP B 85 8.05 -18.35 1.27
C ASP B 85 7.21 -18.85 2.44
N HIS B 86 5.92 -19.08 2.23
CA HIS B 86 5.04 -19.55 3.29
C HIS B 86 5.38 -20.99 3.67
N ILE B 87 5.00 -21.38 4.89
CA ILE B 87 5.30 -22.73 5.35
C ILE B 87 4.48 -23.74 4.56
N GLY B 88 5.13 -24.78 4.06
CA GLY B 88 4.44 -25.83 3.35
C GLY B 88 3.84 -25.41 2.04
N PHE B 89 4.23 -24.24 1.52
CA PHE B 89 3.66 -23.78 0.26
C PHE B 89 4.05 -24.70 -0.89
N GLN B 90 5.32 -25.13 -0.92
CA GLN B 90 5.79 -25.97 -2.02
C GLN B 90 5.05 -27.30 -2.05
N GLU B 91 4.88 -27.93 -0.90
CA GLU B 91 4.26 -29.26 -0.87
C GLU B 91 2.80 -29.19 -1.31
N ALA B 92 2.06 -28.19 -0.80
CA ALA B 92 0.67 -28.03 -1.19
C ALA B 92 0.56 -27.69 -2.67
N TYR B 93 1.46 -26.85 -3.19
CA TYR B 93 1.42 -26.50 -4.61
C TYR B 93 1.67 -27.73 -5.47
N ARG B 94 2.65 -28.55 -5.10
CA ARG B 94 2.92 -29.76 -5.87
C ARG B 94 1.76 -30.74 -5.80
N ARG B 95 1.07 -30.83 -4.65
CA ARG B 95 -0.12 -31.66 -4.61
C ARG B 95 -1.22 -31.13 -5.53
N PHE B 96 -1.51 -29.83 -5.43
CA PHE B 96 -2.65 -29.28 -6.17
C PHE B 96 -2.41 -29.31 -7.68
N TYR B 97 -1.27 -28.79 -8.13
CA TYR B 97 -0.97 -28.64 -9.54
C TYR B 97 0.00 -29.67 -10.07
N GLY B 98 0.33 -30.71 -9.29
CA GLY B 98 1.24 -31.73 -9.74
C GLY B 98 2.66 -31.24 -9.71
N PRO B 99 3.60 -32.05 -10.21
CA PRO B 99 4.99 -31.61 -10.28
C PRO B 99 5.15 -30.38 -11.16
N VAL B 100 6.06 -29.50 -10.76
CA VAL B 100 6.34 -28.27 -11.50
C VAL B 100 7.84 -28.04 -11.52
C1 NAG C . 18.61 -5.70 40.03
C2 NAG C . 17.94 -6.98 40.50
C3 NAG C . 16.57 -7.19 39.84
C4 NAG C . 15.73 -5.94 40.05
C5 NAG C . 16.50 -4.75 39.48
C6 NAG C . 15.74 -3.45 39.55
C7 NAG C . 19.53 -8.74 41.19
C8 NAG C . 20.35 -9.90 40.69
N2 NAG C . 18.79 -8.12 40.26
O3 NAG C . 16.00 -8.35 40.39
O4 NAG C . 14.48 -6.13 39.41
O5 NAG C . 17.72 -4.61 40.17
O6 NAG C . 14.35 -3.71 39.56
O7 NAG C . 19.58 -8.40 42.37
H2 NAG C . 17.79 -6.92 41.46
H3 NAG C . 16.71 -7.29 38.88
H4 NAG C . 15.60 -5.81 41.00
H5 NAG C . 16.66 -4.92 38.54
H61 NAG C . 15.98 -2.91 38.79
H62 NAG C . 16.03 -2.97 40.33
H81 NAG C . 21.28 -9.77 40.94
H82 NAG C . 20.31 -9.93 39.71
H83 NAG C . 20.06 -10.77 41.03
HN2 NAG C . 18.81 -8.41 39.45
HO3 NAG C . 16.47 -9.00 40.15
HO6 NAG C . 14.15 -4.12 38.85
C1 NAG C . 13.54 -6.67 40.37
C2 NAG C . 12.12 -6.51 39.82
C3 NAG C . 11.12 -7.16 40.77
C4 NAG C . 11.52 -8.61 41.05
C5 NAG C . 12.95 -8.64 41.54
C6 NAG C . 13.46 -10.04 41.82
C7 NAG C . 10.99 -4.67 38.63
C8 NAG C . 10.74 -3.18 38.63
N2 NAG C . 11.76 -5.12 39.63
O3 NAG C . 9.85 -7.07 40.18
O4 NAG C . 10.62 -9.11 42.01
O5 NAG C . 13.79 -8.04 40.57
O6 NAG C . 14.86 -10.00 42.04
O7 NAG C . 10.49 -5.39 37.78
H2 NAG C . 12.07 -6.96 38.95
H3 NAG C . 11.15 -6.68 41.61
H4 NAG C . 11.45 -9.10 40.21
H5 NAG C . 13.01 -8.15 42.38
H61 NAG C . 13.23 -10.60 41.06
H62 NAG C . 12.98 -10.38 42.59
H81 NAG C . 11.05 -2.80 37.80
H82 NAG C . 11.25 -2.77 39.34
H83 NAG C . 9.80 -2.93 38.76
HN2 NAG C . 12.07 -4.57 40.20
HO3 NAG C . 9.29 -7.43 40.73
HO4 NAG C . 10.55 -9.95 41.92
HO6 NAG C . 15.01 -9.52 42.72
C1 NAG D . 33.45 1.65 20.02
C2 NAG D . 34.69 2.13 19.27
C3 NAG D . 34.54 3.49 18.57
C4 NAG D . 33.43 4.43 19.10
C5 NAG D . 32.41 3.70 19.97
C6 NAG D . 30.99 4.22 19.91
C7 NAG D . 36.69 1.31 20.48
C8 NAG D . 37.74 1.69 21.49
N2 NAG D . 35.78 2.25 20.19
O3 NAG D . 34.36 3.23 17.20
O4 NAG D . 34.07 5.45 19.83
O5 NAG D . 32.34 2.37 19.57
O6 NAG D . 30.17 3.38 20.66
O7 NAG D . 36.68 0.19 19.96
H2 NAG D . 34.91 1.46 18.60
H3 NAG D . 35.39 3.93 18.69
H4 NAG D . 32.97 4.79 18.33
H5 NAG D . 32.68 3.76 20.91
H61 NAG D . 30.73 4.24 18.97
H62 NAG D . 30.98 5.14 20.23
H81 NAG D . 37.59 1.22 22.32
H82 NAG D . 37.67 2.65 21.68
H83 NAG D . 38.65 1.51 21.21
HN2 NAG D . 35.86 3.01 20.59
HO3 NAG D . 34.33 3.97 16.79
HO6 NAG D . 30.07 2.65 20.22
C1 NAG D . 34.67 6.48 19.01
C2 NAG D . 34.06 7.81 19.43
C3 NAG D . 34.72 8.95 18.67
C4 NAG D . 36.23 8.91 18.90
C5 NAG D . 36.79 7.52 18.53
C6 NAG D . 38.24 7.33 18.90
C7 NAG D . 31.60 8.10 19.98
C8 NAG D . 31.90 8.68 21.35
N2 NAG D . 32.63 7.74 19.18
O3 NAG D . 34.15 10.14 19.11
O4 NAG D . 36.81 9.93 18.12
O5 NAG D . 36.07 6.50 19.19
O6 NAG D . 39.06 8.24 18.21
O7 NAG D . 30.44 7.98 19.62
H2 NAG D . 34.26 7.90 20.37
H3 NAG D . 34.56 8.81 17.72
H4 NAG D . 36.39 9.06 19.84
H5 NAG D . 36.73 7.42 17.56
H61 NAG D . 38.49 6.42 18.71
H62 NAG D . 38.31 7.44 19.86
H81 NAG D . 31.08 9.00 21.74
H82 NAG D . 32.49 9.43 21.25
H83 NAG D . 32.31 8.05 21.96
HN2 NAG D . 32.42 7.41 18.41
HO3 NAG D . 34.46 10.77 18.62
HO4 NAG D . 37.59 10.10 18.41
HO6 NAG D . 39.87 8.06 18.40
C1 NAG E . 27.39 -8.16 11.67
C2 NAG E . 25.97 -8.52 11.19
C3 NAG E . 25.94 -9.92 10.57
C4 NAG E . 27.05 -10.11 9.54
C5 NAG E . 28.39 -9.71 10.16
C6 NAG E . 29.53 -9.75 9.17
C7 NAG E . 24.99 -9.17 13.37
C8 NAG E . 23.83 -8.91 14.31
N2 NAG E . 24.98 -8.45 12.23
O3 NAG E . 24.68 -10.10 9.99
O4 NAG E . 27.03 -11.46 9.19
O5 NAG E . 28.30 -8.40 10.63
O6 NAG E . 29.73 -11.06 8.70
O7 NAG E . 25.85 -9.98 13.65
H2 NAG E . 25.73 -7.88 10.51
H3 NAG E . 26.10 -10.58 11.26
H4 NAG E . 26.85 -9.54 8.78
H5 NAG E . 28.59 -10.32 10.87
H61 NAG E . 30.32 -9.40 9.60
H62 NAG E . 29.33 -9.14 8.44
H81 NAG E . 23.93 -9.46 15.10
H82 NAG E . 23.00 -9.18 13.88
H83 NAG E . 23.73 -7.98 14.58
HN2 NAG E . 24.33 -7.90 12.12
HO3 NAG E . 24.66 -10.87 9.63
HO4 NAG E . 27.52 -11.90 9.73
HO6 NAG E . 30.44 -11.08 8.22
C1 NAG F . 26.22 -12.11 6.39
C2 NAG F . 27.17 -13.28 6.63
C3 NAG F . 26.45 -14.57 6.26
C4 NAG F . 25.18 -14.69 7.11
C5 NAG F . 24.34 -13.41 7.02
C6 NAG F . 23.20 -13.39 8.02
C7 NAG F . 29.65 -13.40 6.24
C8 NAG F . 29.91 -14.08 7.57
N2 NAG F . 28.38 -13.09 5.89
O3 NAG F . 27.32 -15.64 6.45
O4 NAG F . 24.47 -15.80 6.62
O5 NAG F . 25.12 -12.25 7.25
O6 NAG F . 22.56 -12.14 7.97
O7 NAG F . 30.60 -13.18 5.50
H2 NAG F . 27.35 -13.30 7.58
H3 NAG F . 26.18 -14.49 5.33
H4 NAG F . 25.46 -14.82 8.03
H5 NAG F . 23.93 -13.38 6.14
H61 NAG F . 23.58 -13.56 8.90
H62 NAG F . 22.61 -14.12 7.82
H81 NAG F . 30.83 -14.40 7.59
H82 NAG F . 29.33 -14.85 7.66
H83 NAG F . 29.77 -13.51 8.34
HN2 NAG F . 28.29 -12.70 5.12
HO3 NAG F . 26.98 -16.33 6.06
HO4 NAG F . 23.98 -16.12 7.26
HO6 NAG F . 21.97 -12.11 8.58
C1 NAG G . 5.21 -33.95 17.27
C2 NAG G . 4.39 -35.25 17.18
C3 NAG G . 4.62 -36.03 15.87
C4 NAG G . 4.99 -35.19 14.64
C5 NAG G . 5.89 -34.02 15.03
C6 NAG G . 6.19 -33.04 13.92
C7 NAG G . 3.98 -36.50 19.30
C8 NAG G . 4.67 -37.41 20.29
N2 NAG G . 4.76 -36.11 18.28
O3 NAG G . 3.42 -36.76 15.65
O4 NAG G . 5.66 -36.03 13.72
O5 NAG G . 5.21 -33.30 16.03
O6 NAG G . 4.96 -32.55 13.42
O7 NAG G . 2.81 -36.16 19.45
H2 NAG G . 3.45 -35.04 17.24
H3 NAG G . 5.36 -36.65 16.02
H4 NAG G . 4.17 -34.83 14.27
H5 NAG G . 6.74 -34.36 15.35
H61 NAG G . 6.71 -33.48 13.24
H62 NAG G . 6.73 -32.33 14.29
H81 NAG G . 5.09 -36.88 20.99
H82 NAG G . 5.39 -37.89 19.84
H83 NAG G . 4.09 -38.07 20.71
HN2 NAG G . 5.57 -36.40 18.27
HO3 NAG G . 2.80 -36.20 15.49
HO4 NAG G . 6.49 -36.03 13.91
HO6 NAG G . 5.14 -31.95 12.83
C22 6PL H . -19.48 28.66 -3.90
C21 6PL H . -18.61 27.89 -2.90
C20 6PL H . -17.69 26.86 -3.56
C19 6PL H . -18.45 25.70 -4.20
C18 6PL H . -17.54 24.56 -4.67
C17 6PL H . -18.29 23.42 -5.36
C16 6PL H . -17.54 22.10 -5.37
C15 6PL H . -18.18 21.02 -6.23
C14 6PL H . -19.45 20.43 -5.62
C13 6PL H . -20.38 19.78 -6.63
C12 6PL H . -21.11 20.80 -7.49
C11 6PL H . -22.27 20.22 -8.24
O11 6PL H . -23.07 19.43 -7.79
O3 6PL H . -22.32 20.65 -9.49
C3 6PL H . -22.97 21.89 -9.78
C2 6PL H . -24.19 21.63 -10.64
C1 6PL H . -24.53 22.78 -11.58
O3P 6PL H . -23.57 22.83 -12.62
P 6PL H . -23.96 23.43 -14.08
O1P 6PL H . -23.85 22.37 -15.14
O2P 6PL H . -25.19 24.27 -13.99
O4P 6PL H . -22.61 24.39 -14.15
C4 6PL H . -22.53 25.47 -13.26
C5 6PL H . -21.10 25.90 -13.01
N 6PL H . -20.19 26.28 -14.16
C7 6PL H . -20.91 26.67 -15.40
C8 6PL H . -19.39 27.47 -13.72
C6 6PL H . -19.22 25.20 -14.49
O2 6PL H . -25.27 21.19 -9.81
C31 6PL H . -26.00 21.98 -9.02
O31 6PL H . -25.99 23.18 -9.07
C32 6PL H . -26.85 21.17 -8.08
C33 6PL H . -27.26 21.92 -6.83
C34 6PL H . -27.30 21.02 -5.59
C35 6PL H . -27.52 21.82 -4.31
C36 6PL H . -27.34 21.03 -3.02
C37 6PL H . -27.28 21.93 -1.79
C38 6PL H . -28.62 22.49 -1.35
C39 6PL H . -29.49 21.47 -0.63
C40 6PL H . -30.75 22.04 0.00
C41 6PL H . -31.63 20.99 0.67
C42 6PL H . -32.85 21.54 1.38
C43 6PL H . -33.89 22.12 0.43
C44 6PL H . -35.19 22.52 1.10
C45 6PL H . -36.05 21.32 1.53
C46 6PL H . -37.44 21.72 2.01
H211 6PL H . -19.19 27.44 -2.26
H212 6PL H . -18.08 28.52 -2.40
H201 6PL H . -17.07 26.51 -2.89
H202 6PL H . -17.15 27.30 -4.23
H191 6PL H . -18.96 26.03 -4.95
H192 6PL H . -19.09 25.35 -3.57
H181 6PL H . -17.05 24.21 -3.92
H182 6PL H . -16.88 24.92 -5.29
H171 6PL H . -18.49 23.69 -6.28
H172 6PL H . -19.15 23.30 -4.93
H161 6PL H . -17.46 21.78 -4.46
H162 6PL H . -16.62 22.25 -5.68
H151 6PL H . -17.54 20.31 -6.38
H152 6PL H . -18.39 21.38 -7.11
H141 6PL H . -19.93 21.11 -5.14
H142 6PL H . -19.19 19.77 -4.94
H131 6PL H . -21.02 19.22 -6.17
H132 6PL H . -19.85 19.18 -7.19
H121 6PL H . -20.50 21.18 -8.16
H122 6PL H . -21.41 21.54 -6.95
H31 6PL H . -22.36 22.48 -10.24
H32 6PL H . -23.25 22.34 -8.96
H2 6PL H . -23.91 20.91 -11.22
H11 6PL H . -24.57 23.60 -11.07
H12 6PL H . -25.41 22.64 -11.95
H41 6PL H . -22.97 25.29 -12.42
H42 6PL H . -22.97 26.25 -13.63
H51 6PL H . -20.66 25.15 -12.57
H52 6PL H . -21.09 26.64 -12.38
H71 6PL H . -20.28 27.03 -16.04
H72 6PL H . -21.56 27.36 -15.17
H73 6PL H . -21.36 25.90 -15.77
H81 6PL H . -18.74 27.68 -14.39
H82 6PL H . -18.94 27.26 -12.88
H83 6PL H . -19.98 28.23 -13.59
H61 6PL H . -18.68 25.45 -15.26
H62 6PL H . -19.72 24.40 -14.69
H63 6PL H . -18.64 25.04 -13.72
H321 6PL H . -26.37 20.36 -7.86
H322 6PL H . -27.64 20.87 -8.58
H331 6PL H . -28.15 22.31 -6.95
H332 6PL H . -26.66 22.66 -6.67
H341 6PL H . -26.47 20.52 -5.52
H342 6PL H . -28.00 20.37 -5.69
H351 6PL H . -28.42 22.20 -4.32
H352 6PL H . -26.93 22.59 -4.31
H361 6PL H . -26.53 20.50 -3.08
H362 6PL H . -28.06 20.40 -2.93
H371 6PL H . -26.67 22.67 -1.96
H372 6PL H . -26.88 21.43 -1.06
H381 6PL H . -29.10 22.84 -2.11
H382 6PL H . -28.47 23.25 -0.76
H391 6PL H . -28.96 21.03 0.07
H392 6PL H . -29.74 20.76 -1.24
H401 6PL H . -31.27 22.51 -0.68
H402 6PL H . -30.51 22.72 0.65
H411 6PL H . -31.08 20.49 1.31
H412 6PL H . -31.91 20.34 0.01
H421 6PL H . -32.58 22.22 2.02
H422 6PL H . -33.26 20.83 1.91
H431 6PL H . -34.08 21.47 -0.27
H432 6PL H . -33.52 22.89 -0.02
H441 6PL H . -35.71 23.08 0.51
H442 6PL H . -35.00 23.06 1.88
H451 6PL H . -35.60 20.84 2.24
H452 6PL H . -36.12 20.71 0.78
C26 6PL I . 8.87 -8.12 -31.24
C25 6PL I . 8.47 -8.75 -29.91
C24 6PL I . 7.82 -7.76 -28.95
C23 6PL I . 6.47 -7.26 -29.42
C22 6PL I . 5.77 -6.35 -28.40
C21 6PL I . 4.43 -5.81 -28.90
C20 6PL I . 3.79 -4.80 -27.95
C19 6PL I . 3.27 -5.42 -26.66
C18 6PL I . 2.42 -4.46 -25.83
C17 6PL I . 2.03 -5.02 -24.46
C16 6PL I . 1.32 -4.00 -23.59
C15 6PL I . 0.77 -4.59 -22.30
C14 6PL I . 0.04 -3.56 -21.44
C13 6PL I . 1.00 -2.75 -20.56
C12 6PL I . 0.25 -1.73 -19.72
C11 6PL I . 1.05 -1.18 -18.57
O11 6PL I . 2.22 -1.39 -18.38
O3 6PL I . 0.30 -0.41 -17.78
C3 6PL I . 0.76 -0.15 -16.46
C2 6PL I . 1.78 0.97 -16.43
C1 6PL I . 2.23 1.39 -15.04
O3P 6PL I . 3.13 0.43 -14.52
P 6PL I . 3.33 0.29 -12.91
O1P 6PL I . 2.15 0.84 -12.16
O2P 6PL I . 3.87 -1.06 -12.56
O4P 6PL I . 4.54 1.41 -12.86
C4 6PL I . 5.89 0.99 -12.87
C5 6PL I . 6.84 2.10 -12.52
N 6PL I . 6.55 3.00 -11.34
C7 6PL I . 6.18 2.22 -10.13
C8 6PL I . 7.81 3.74 -11.03
C6 6PL I . 5.49 4.01 -11.62
O2 6PL I . 1.33 2.08 -17.21
C31 6PL I . 0.06 2.48 -17.23
O31 6PL I . -0.59 2.73 -16.24
C32 6PL I . -0.45 2.56 -18.65
C33 6PL I . -1.70 3.41 -18.84
C34 6PL I . -2.09 3.48 -20.31
C35 6PL I . -2.96 4.70 -20.63
C36 6PL I . -4.35 4.62 -20.05
C37 6PL I . -5.19 5.87 -20.35
C38 6PL I . -4.91 7.05 -19.43
C39 6PL I . -5.51 8.35 -19.94
C40 6PL I . -5.15 9.56 -19.10
C41 6PL I . -5.35 10.89 -19.83
C42 6PL I . -6.82 11.23 -20.10
C43 6PL I . -7.00 12.66 -20.60
C44 6PL I . -8.34 12.92 -21.28
C45 6PL I . -8.44 12.29 -22.66
C46 6PL I . -9.65 12.76 -23.46
H261 6PL I . 9.35 -8.75 -31.80
H262 6PL I . 9.44 -7.35 -31.11
H263 6PL I . 8.09 -7.84 -31.74
H251 6PL I . 9.26 -9.13 -29.49
H252 6PL I . 7.86 -9.48 -30.06
H241 6PL I . 8.42 -7.00 -28.82
H242 6PL I . 7.73 -8.17 -28.08
H231 6PL I . 5.89 -8.01 -29.62
H232 6PL I . 6.57 -6.77 -30.25
H221 6PL I . 6.35 -5.61 -28.18
H222 6PL I . 5.63 -6.84 -27.57
H211 6PL I . 3.82 -6.54 -29.03
H212 6PL I . 4.55 -5.39 -29.76
H201 6PL I . 3.06 -4.34 -28.40
H202 6PL I . 4.44 -4.11 -27.74
H191 6PL I . 4.03 -5.72 -26.12
H192 6PL I . 2.76 -6.21 -26.87
H181 6PL I . 1.62 -4.23 -26.32
H182 6PL I . 2.91 -3.62 -25.71
H171 6PL I . 2.83 -5.34 -24.01
H172 6PL I . 1.47 -5.79 -24.59
H161 6PL I . 0.59 -3.60 -24.09
H162 6PL I . 1.92 -3.27 -23.38
H151 6PL I . 1.48 -4.99 -21.79
H152 6PL I . 0.15 -5.31 -22.51
H141 6PL I . -0.59 -4.01 -20.87
H142 6PL I . -0.46 -2.97 -22.00
H131 6PL I . 1.65 -2.30 -21.12
H132 6PL I . 1.50 -3.35 -19.98
H121 6PL I . -0.55 -2.12 -19.32
H122 6PL I . -0.06 -0.99 -20.26
H31 6PL I . 1.15 -0.96 -16.09
H32 6PL I . 0.02 0.08 -15.87
H2 6PL I . 2.57 0.59 -16.87
H11 6PL I . 1.43 1.51 -14.50
H12 6PL I . 2.67 2.25 -15.10
H41 6PL I . 6.14 0.58 -13.71
H42 6PL I . 6.01 0.31 -12.20
H51 6PL I . 6.91 2.68 -13.29
H52 6PL I . 7.73 1.73 -12.37
H71 6PL I . 6.15 2.82 -9.36
H72 6PL I . 6.85 1.54 -9.99
H73 6PL I . 5.31 1.81 -10.26
H81 6PL I . 7.64 4.43 -10.36
H82 6PL I . 8.13 4.17 -11.85
H83 6PL I . 8.49 3.13 -10.70
H61 6PL I . 5.41 4.65 -10.89
H62 6PL I . 4.63 3.56 -11.71
H63 6PL I . 5.68 4.48 -12.45
H321 6PL I . -0.60 1.66 -18.97
H322 6PL I . 0.28 2.90 -19.19
H331 6PL I . -1.56 4.30 -18.49
H332 6PL I . -2.43 3.03 -18.33
H341 6PL I . -2.57 2.68 -20.56
H342 6PL I . -1.29 3.51 -20.86
H351 6PL I . -3.02 4.80 -21.59
H352 6PL I . -2.51 5.50 -20.31
H361 6PL I . -4.29 4.51 -19.09
H362 6PL I . -4.80 3.84 -20.38
H371 6PL I . -6.14 5.64 -20.27
H372 6PL I . -5.07 6.12 -21.27
H381 6PL I . -3.94 7.16 -19.34
H382 6PL I . -5.24 6.85 -18.55
H391 6PL I . -6.48 8.26 -19.97
H392 6PL I . -5.24 8.50 -20.87
H401 6PL I . -4.23 9.50 -18.81
H402 6PL I . -5.68 9.56 -18.30
H411 6PL I . -4.88 10.86 -20.67
H412 6PL I . -4.95 11.60 -19.31
H421 6PL I . -7.33 11.10 -19.29
H422 6PL I . -7.18 10.61 -20.75
H431 6PL I . -6.28 12.87 -21.22
H432 6PL I . -6.90 13.27 -19.86
H441 6PL I . -8.48 13.87 -21.34
H442 6PL I . -9.05 12.57 -20.71
H451 6PL I . -8.49 11.32 -22.58
H452 6PL I . -7.63 12.47 -23.15
C11 A1AVC J . -1.37 12.49 -2.57
C12 A1AVC J . -0.26 12.59 -1.48
C13 A1AVC J . 0.50 13.91 -1.78
C14 A1AVC J . 1.80 13.99 -2.25
C15 A1AVC J . 2.65 12.74 -2.52
C16 A1AVC J . 2.41 15.40 -2.50
C01 A1AVC J . -0.23 10.53 -3.89
C02 A1AVC J . -1.36 11.59 -3.66
C03 A1AVC J . -2.43 11.65 -4.58
C04 A1AVC J . -3.51 12.59 -4.42
C05 A1AVC J . -4.58 12.62 -5.38
C06 A1AVC J . -5.63 13.54 -5.23
C07 A1AVC J . -5.63 14.43 -4.16
C08 A1AVC J . -4.58 14.41 -3.23
C09 A1AVC J . -3.51 13.46 -3.38
C10 A1AVC J . -2.44 13.42 -2.44
C17 A1AVC J . 2.97 15.54 -3.97
C18 A1AVC J . 3.39 17.03 -4.23
C19 A1AVC J . 4.00 17.35 -5.58
C20 A1AVC J . 5.19 16.44 -5.90
C21 A1AVC J . 4.52 18.80 -5.51
C22 A1AVC J . 4.65 19.50 -6.90
C23 A1AVC J . 3.38 20.27 -7.32
C24 A1AVC J . 3.15 21.56 -6.48
C25 A1AVC J . 1.68 21.66 -6.03
C26 A1AVC J . 3.53 22.79 -7.28
C27 A1AVC J . 3.25 24.10 -6.48
C28 A1AVC J . 4.16 25.30 -6.89
C29 A1AVC J . 4.11 26.43 -5.85
C30 A1AVC J . 2.67 27.00 -5.71
C31 A1AVC J . 5.10 27.51 -6.19
O32 A1AVC J . -2.44 14.33 -1.37
O33 A1AVC J . -2.47 10.77 -5.67
H1 A1AVC J . -0.74 12.67 -0.52
H2 A1AVC J . 0.37 11.73 -1.46
H3 A1AVC J . -0.03 14.84 -1.60
H4 A1AVC J . 3.66 13.02 -2.80
H5 A1AVC J . 2.22 12.19 -3.35
H6 A1AVC J . 2.68 12.12 -1.64
H7 A1AVC J . 1.66 16.17 -2.35
H8 A1AVC J . 3.22 15.58 -1.79
H9 A1AVC J . -0.60 9.73 -4.53
H10 A1AVC J . 0.08 10.08 -2.95
H11 A1AVC J . 0.62 10.99 -4.38
H12 A1AVC J . -4.58 11.93 -6.20
H13 A1AVC J . -6.45 13.56 -5.95
H14 A1AVC J . -6.44 15.15 -4.04
H15 A1AVC J . -4.59 15.10 -2.41
H16 A1AVC J . 3.85 14.91 -4.07
H17 A1AVC J . 2.22 15.24 -4.69
H18 A1AVC J . 4.09 17.33 -3.45
H19 A1AVC J . 2.49 17.64 -4.11
H20 A1AVC J . 3.25 17.26 -6.36
H21 A1AVC J . 5.67 16.13 -4.97
H22 A1AVC J . 5.89 16.96 -6.53
H23 A1AVC J . 4.82 15.54 -6.42
H24 A1AVC J . 5.50 18.79 -5.04
H25 A1AVC J . 3.83 19.37 -4.88
H26 A1AVC J . 5.48 20.19 -6.87
H27 A1AVC J . 4.85 18.75 -7.65
H28 A1AVC J . 2.54 19.61 -7.26
H29 A1AVC J . 3.50 20.57 -8.37
H30 A1AVC J . 3.77 21.54 -5.59
H31 A1AVC J . 1.59 22.34 -5.20
H32 A1AVC J . 1.10 22.04 -6.86
H33 A1AVC J . 1.29 20.70 -5.73
H34 A1AVC J . 4.58 22.74 -7.53
H35 A1AVC J . 2.95 22.82 -8.19
H36 A1AVC J . 2.22 24.38 -6.64
H37 A1AVC J . 3.39 23.90 -5.42
H38 A1AVC J . 3.82 25.67 -7.84
H39 A1AVC J . 5.18 24.95 -6.97
H40 A1AVC J . 4.39 26.00 -4.89
H41 A1AVC J . 2.18 26.53 -4.85
H42 A1AVC J . 2.11 26.77 -6.62
H43 A1AVC J . 2.72 28.07 -5.55
H44 A1AVC J . 4.80 28.00 -7.10
H45 A1AVC J . 6.08 27.08 -6.30
H46 A1AVC J . 5.11 28.25 -5.38
H47 A1AVC J . -3.28 14.28 -0.93
H48 A1AVC J . -1.68 10.85 -6.19
#